data_3R7F
#
_entry.id   3R7F
#
_cell.length_a   251.916
_cell.length_b   152.960
_cell.length_c   51.239
_cell.angle_alpha   90.000
_cell.angle_beta   96.100
_cell.angle_gamma   90.000
#
_symmetry.space_group_name_H-M   'C 1 2 1'
#
loop_
_entity.id
_entity.type
_entity.pdbx_description
1 polymer 'Aspartate carbamoyltransferase'
2 non-polymer 'PHOSPHORIC ACID MONO(FORMAMIDE)ESTER'
3 non-polymer 'PHOSPHATE ION'
4 water water
#
_entity_poly.entity_id   1
_entity_poly.type   'polypeptide(L)'
_entity_poly.pdbx_seq_one_letter_code
;MKHLTTMSELSTEEIKDLLQTAQELKSGKTDNQLTGKFAANLFFEPSTRTRFSFEVAEKKLGMNVLNLDGTSTSVQKGET
LYDTIRTLESIGVDVCVIRHSEDEYYEELVSQVNIPILNAGDGCGQHPTQSLLDLMTIYEEFNTFKGLTVSIHGDIKHSR
VARSNAEVLTRLGARVLFSGPSEWQDEENTFGTYVSMDEAVESSDVVMLLRIQNERHQSAVSQEGYLNKYGLTVERAERM
KRHAIIMHPAPVNRGVEIDDSLVESEKSRIFKQMKNGVFIRMAVIQRALQTNVKRGEAAYVISH
;
_entity_poly.pdbx_strand_id   A,B,C
#
loop_
_chem_comp.id
_chem_comp.type
_chem_comp.name
_chem_comp.formula
CP non-polymer 'PHOSPHORIC ACID MONO(FORMAMIDE)ESTER' 'C H4 N O5 P'
PO4 non-polymer 'PHOSPHATE ION' 'O4 P -3'
#
# COMPACT_ATOMS: atom_id res chain seq x y z
N MET A 1 2.89 12.66 -27.57
CA MET A 1 3.01 11.83 -26.37
C MET A 1 1.89 10.79 -26.32
N LYS A 2 2.25 9.55 -25.98
CA LYS A 2 1.28 8.46 -26.07
C LYS A 2 0.49 8.22 -24.79
N HIS A 3 -0.30 9.21 -24.41
CA HIS A 3 -1.36 9.05 -23.43
C HIS A 3 -2.35 8.03 -23.96
N LEU A 4 -3.18 7.49 -23.08
CA LEU A 4 -4.38 6.78 -23.53
C LEU A 4 -5.56 7.24 -22.70
N THR A 5 -6.42 7.98 -23.35
CA THR A 5 -7.52 8.65 -22.70
C THR A 5 -8.86 8.10 -23.15
N THR A 6 -9.02 7.91 -24.45
CA THR A 6 -10.30 7.52 -25.03
C THR A 6 -10.08 6.64 -26.25
N MET A 7 -11.00 5.72 -26.52
CA MET A 7 -10.90 4.88 -27.72
C MET A 7 -10.95 5.70 -29.01
N SER A 8 -11.65 6.82 -28.98
CA SER A 8 -11.80 7.68 -30.15
C SER A 8 -10.47 8.17 -30.72
N GLU A 9 -9.44 8.22 -29.89
CA GLU A 9 -8.14 8.75 -30.29
C GLU A 9 -7.27 7.67 -30.93
N LEU A 10 -7.72 6.43 -30.92
CA LEU A 10 -6.98 5.35 -31.56
C LEU A 10 -7.58 5.03 -32.92
N SER A 11 -6.74 4.83 -33.92
CA SER A 11 -7.20 4.40 -35.23
C SER A 11 -7.42 2.91 -35.16
N THR A 12 -8.17 2.36 -36.10
CA THR A 12 -8.43 0.93 -36.11
C THR A 12 -7.12 0.17 -36.27
N GLU A 13 -6.15 0.80 -36.92
CA GLU A 13 -4.84 0.19 -37.09
C GLU A 13 -4.05 0.17 -35.76
N GLU A 14 -4.10 1.27 -35.01
CA GLU A 14 -3.46 1.32 -33.70
C GLU A 14 -4.09 0.27 -32.79
N ILE A 15 -5.41 0.16 -32.84
CA ILE A 15 -6.14 -0.80 -32.01
C ILE A 15 -5.66 -2.20 -32.33
N LYS A 16 -5.57 -2.52 -33.62
CA LYS A 16 -5.16 -3.85 -34.03
C LYS A 16 -3.71 -4.15 -33.65
N ASP A 17 -2.85 -3.13 -33.70
CA ASP A 17 -1.46 -3.29 -33.27
C ASP A 17 -1.37 -3.61 -31.77
N LEU A 18 -2.17 -2.91 -30.98
CA LEU A 18 -2.20 -3.14 -29.53
C LEU A 18 -2.67 -4.56 -29.20
N LEU A 19 -3.75 -4.99 -29.85
CA LEU A 19 -4.25 -6.36 -29.63
C LEU A 19 -3.19 -7.40 -30.02
N GLN A 20 -2.48 -7.13 -31.10
CA GLN A 20 -1.45 -8.06 -31.56
C GLN A 20 -0.26 -8.10 -30.58
N THR A 21 0.17 -6.94 -30.12
CA THR A 21 1.24 -6.89 -29.11
C THR A 21 0.81 -7.62 -27.84
N ALA A 22 -0.42 -7.35 -27.38
CA ALA A 22 -0.93 -8.02 -26.18
C ALA A 22 -0.94 -9.53 -26.37
N GLN A 23 -1.34 -9.99 -27.55
CA GLN A 23 -1.41 -11.42 -27.82
C GLN A 23 -0.02 -12.05 -27.78
N GLU A 24 0.96 -11.35 -28.32
CA GLU A 24 2.34 -11.82 -28.24
C GLU A 24 2.84 -11.88 -26.79
N LEU A 25 2.54 -10.85 -25.99
CA LEU A 25 2.93 -10.86 -24.58
C LEU A 25 2.25 -11.99 -23.84
N LYS A 26 0.98 -12.23 -24.14
CA LYS A 26 0.24 -13.35 -23.55
C LYS A 26 0.93 -14.69 -23.85
N SER A 27 1.51 -14.79 -25.04
CA SER A 27 2.19 -16.00 -25.51
C SER A 27 3.58 -16.17 -24.88
N GLY A 28 4.01 -15.21 -24.07
CA GLY A 28 5.25 -15.34 -23.32
C GLY A 28 6.37 -14.40 -23.73
N LYS A 29 6.16 -13.65 -24.80
CA LYS A 29 7.15 -12.65 -25.22
C LYS A 29 7.45 -11.68 -24.10
N THR A 30 8.73 -11.43 -23.83
CA THR A 30 9.13 -10.47 -22.82
C THR A 30 10.42 -9.74 -23.20
N ASP A 31 10.58 -8.52 -22.71
CA ASP A 31 11.86 -7.83 -22.84
C ASP A 31 12.15 -6.94 -21.64
N ASN A 32 13.38 -6.42 -21.57
CA ASN A 32 13.83 -5.66 -20.41
C ASN A 32 13.88 -4.16 -20.62
N GLN A 33 13.26 -3.69 -21.71
CA GLN A 33 13.33 -2.28 -22.05
C GLN A 33 12.83 -1.33 -20.95
N LEU A 34 11.86 -1.79 -20.15
CA LEU A 34 11.24 -0.91 -19.15
C LEU A 34 11.71 -1.21 -17.73
N THR A 35 12.63 -2.17 -17.60
CA THR A 35 13.13 -2.56 -16.29
C THR A 35 13.62 -1.36 -15.49
N GLY A 36 13.12 -1.21 -14.27
CA GLY A 36 13.57 -0.13 -13.40
C GLY A 36 12.89 1.20 -13.61
N LYS A 37 12.08 1.34 -14.66
CA LYS A 37 11.30 2.56 -14.81
C LYS A 37 10.18 2.59 -13.76
N PHE A 38 9.61 3.77 -13.52
CA PHE A 38 8.63 3.92 -12.47
C PHE A 38 7.24 4.20 -13.02
N ALA A 39 6.25 3.46 -12.51
CA ALA A 39 4.85 3.73 -12.80
C ALA A 39 4.15 4.12 -11.50
N ALA A 40 3.24 5.09 -11.57
CA ALA A 40 2.43 5.43 -10.41
C ALA A 40 0.97 5.14 -10.72
N ASN A 41 0.31 4.44 -9.81
CA ASN A 41 -1.11 4.15 -9.91
C ASN A 41 -1.88 5.05 -8.95
N LEU A 42 -2.65 5.98 -9.50
CA LEU A 42 -3.43 6.93 -8.72
C LEU A 42 -4.90 6.60 -8.85
N PHE A 43 -5.40 5.86 -7.89
CA PHE A 43 -6.79 5.45 -7.91
C PHE A 43 -7.62 6.21 -6.88
N PHE A 44 -8.44 7.13 -7.37
CA PHE A 44 -9.30 7.98 -6.54
C PHE A 44 -10.67 7.36 -6.34
N GLU A 45 -10.91 6.24 -7.02
CA GLU A 45 -12.15 5.50 -6.86
C GLU A 45 -11.76 4.04 -6.69
N PRO A 46 -12.65 3.25 -6.09
CA PRO A 46 -12.35 1.84 -5.87
C PRO A 46 -12.13 1.09 -7.20
N SER A 47 -11.28 0.08 -7.17
CA SER A 47 -11.04 -0.75 -8.32
C SER A 47 -10.36 -2.02 -7.87
N THR A 48 -10.76 -3.15 -8.45
CA THR A 48 -10.05 -4.40 -8.22
C THR A 48 -9.32 -4.85 -9.49
N ARG A 49 -10.08 -5.16 -10.54
CA ARG A 49 -9.47 -5.61 -11.80
C ARG A 49 -8.45 -4.63 -12.36
N THR A 50 -8.86 -3.38 -12.54
CA THR A 50 -8.04 -2.44 -13.29
C THR A 50 -6.77 -2.07 -12.51
N ARG A 51 -6.95 -1.76 -11.24
CA ARG A 51 -5.85 -1.40 -10.36
C ARG A 51 -4.82 -2.52 -10.27
N PHE A 52 -5.27 -3.73 -10.00
CA PHE A 52 -4.31 -4.82 -9.79
C PHE A 52 -3.78 -5.45 -11.07
N SER A 53 -4.58 -5.42 -12.15
CA SER A 53 -4.02 -5.90 -13.42
C SER A 53 -2.99 -4.89 -13.93
N PHE A 54 -3.22 -3.61 -13.70
CA PHE A 54 -2.18 -2.62 -14.03
C PHE A 54 -0.92 -2.86 -13.23
N GLU A 55 -1.07 -3.17 -11.94
CA GLU A 55 0.10 -3.44 -11.12
C GLU A 55 0.87 -4.67 -11.57
N VAL A 56 0.16 -5.75 -11.84
CA VAL A 56 0.78 -6.96 -12.36
C VAL A 56 1.51 -6.64 -13.66
N ALA A 57 0.85 -5.88 -14.53
CA ALA A 57 1.43 -5.55 -15.83
C ALA A 57 2.72 -4.76 -15.65
N GLU A 58 2.69 -3.77 -14.77
CA GLU A 58 3.87 -2.96 -14.51
C GLU A 58 5.02 -3.83 -14.01
N LYS A 59 4.72 -4.72 -13.07
CA LYS A 59 5.73 -5.60 -12.50
C LYS A 59 6.21 -6.65 -13.50
N LYS A 60 5.31 -7.14 -14.36
CA LYS A 60 5.76 -8.08 -15.38
C LYS A 60 6.69 -7.39 -16.39
N LEU A 61 6.57 -6.08 -16.51
CA LEU A 61 7.48 -5.31 -17.36
C LEU A 61 8.76 -4.93 -16.64
N GLY A 62 8.88 -5.34 -15.37
CA GLY A 62 10.06 -5.04 -14.58
C GLY A 62 10.09 -3.64 -13.98
N MET A 63 8.94 -2.98 -13.92
CA MET A 63 8.90 -1.60 -13.43
C MET A 63 8.80 -1.50 -11.91
N ASN A 64 9.26 -0.39 -11.35
CA ASN A 64 8.99 -0.03 -9.97
C ASN A 64 7.63 0.64 -9.92
N VAL A 65 6.88 0.39 -8.85
CA VAL A 65 5.51 0.87 -8.75
C VAL A 65 5.26 1.70 -7.49
N LEU A 66 4.64 2.86 -7.65
CA LEU A 66 4.18 3.66 -6.51
C LEU A 66 2.67 3.58 -6.53
N ASN A 67 2.08 3.28 -5.38
CA ASN A 67 0.62 3.22 -5.31
C ASN A 67 0.08 4.34 -4.48
N LEU A 68 -0.77 5.18 -5.07
CA LEU A 68 -1.44 6.24 -4.33
C LEU A 68 -2.94 6.05 -4.27
N ASP A 69 -3.48 5.98 -3.05
CA ASP A 69 -4.93 6.08 -2.88
C ASP A 69 -5.29 7.55 -2.71
N GLY A 70 -6.08 8.08 -3.63
CA GLY A 70 -6.38 9.50 -3.66
C GLY A 70 -7.45 9.96 -2.70
N THR A 71 -8.35 9.04 -2.34
CA THR A 71 -9.38 9.34 -1.35
C THR A 71 -8.78 9.35 0.05
N SER A 72 -7.49 9.04 0.14
CA SER A 72 -6.80 9.00 1.42
C SER A 72 -5.92 10.23 1.65
N THR A 73 -5.04 10.11 2.63
CA THR A 73 -4.18 11.20 3.08
C THR A 73 -2.96 11.41 2.15
N SER A 74 -2.54 10.34 1.49
CA SER A 74 -1.39 10.39 0.58
C SER A 74 -1.60 11.31 -0.64
N VAL A 75 -2.75 11.97 -0.71
CA VAL A 75 -2.97 13.06 -1.66
C VAL A 75 -3.65 14.23 -0.95
N GLN A 76 -3.00 15.40 -1.00
CA GLN A 76 -3.54 16.58 -0.34
C GLN A 76 -4.90 16.98 -0.92
N LYS A 77 -5.81 17.39 -0.03
CA LYS A 77 -7.14 17.81 -0.45
C LYS A 77 -7.07 19.19 -1.10
N GLY A 78 -7.86 19.38 -2.16
CA GLY A 78 -7.88 20.63 -2.89
C GLY A 78 -6.62 20.85 -3.71
N GLU A 79 -5.49 20.35 -3.20
CA GLU A 79 -4.20 20.43 -3.89
C GLU A 79 -4.26 19.73 -5.25
N THR A 80 -4.09 20.51 -6.31
CA THR A 80 -4.50 20.13 -7.65
C THR A 80 -3.93 18.82 -8.21
N LEU A 81 -4.72 18.16 -9.05
CA LEU A 81 -4.31 16.94 -9.73
C LEU A 81 -3.10 17.22 -10.61
N TYR A 82 -3.08 18.41 -11.23
CA TYR A 82 -1.92 18.84 -12.01
C TYR A 82 -0.65 18.84 -11.16
N ASP A 83 -0.72 19.37 -9.94
CA ASP A 83 0.44 19.43 -9.07
C ASP A 83 0.89 18.05 -8.61
N THR A 84 -0.09 17.17 -8.36
CA THR A 84 0.22 15.80 -8.00
C THR A 84 1.00 15.13 -9.11
N ILE A 85 0.55 15.27 -10.35
CA ILE A 85 1.26 14.68 -11.49
C ILE A 85 2.67 15.26 -11.64
N ARG A 86 2.78 16.59 -11.57
CA ARG A 86 4.08 17.25 -11.69
C ARG A 86 5.01 16.84 -10.54
N THR A 87 4.46 16.69 -9.35
CA THR A 87 5.23 16.17 -8.23
C THR A 87 5.79 14.78 -8.58
N LEU A 88 4.93 13.92 -9.12
CA LEU A 88 5.36 12.57 -9.50
C LEU A 88 6.41 12.59 -10.62
N GLU A 89 6.23 13.45 -11.62
CA GLU A 89 7.25 13.63 -12.64
C GLU A 89 8.59 14.00 -12.02
N SER A 90 8.58 14.98 -11.12
CA SER A 90 9.78 15.47 -10.45
C SER A 90 10.54 14.38 -9.72
N ILE A 91 9.81 13.50 -9.03
CA ILE A 91 10.46 12.44 -8.29
C ILE A 91 10.84 11.25 -9.18
N GLY A 92 10.48 11.30 -10.46
CA GLY A 92 11.01 10.32 -11.41
C GLY A 92 10.02 9.31 -11.97
N VAL A 93 8.74 9.56 -11.76
CA VAL A 93 7.71 8.69 -12.33
C VAL A 93 7.66 8.83 -13.86
N ASP A 94 7.62 7.71 -14.58
CA ASP A 94 7.66 7.73 -16.04
C ASP A 94 6.29 7.64 -16.71
N VAL A 95 5.31 7.11 -15.99
CA VAL A 95 3.95 6.98 -16.50
C VAL A 95 2.98 6.94 -15.33
N CYS A 96 1.83 7.54 -15.52
CA CYS A 96 0.81 7.59 -14.47
CA CYS A 96 0.83 7.58 -14.47
C CYS A 96 -0.46 6.91 -14.94
N VAL A 97 -1.02 6.06 -14.10
CA VAL A 97 -2.30 5.43 -14.35
C VAL A 97 -3.31 6.05 -13.40
N ILE A 98 -4.39 6.63 -13.93
CA ILE A 98 -5.31 7.38 -13.10
C ILE A 98 -6.76 6.93 -13.25
N ARG A 99 -7.42 6.65 -12.13
CA ARG A 99 -8.88 6.53 -12.13
C ARG A 99 -9.43 7.68 -11.29
N HIS A 100 -10.23 8.53 -11.94
CA HIS A 100 -10.76 9.74 -11.30
C HIS A 100 -12.26 9.83 -11.52
N SER A 101 -12.95 10.51 -10.59
CA SER A 101 -14.41 10.60 -10.66
C SER A 101 -14.92 11.54 -11.75
N GLU A 102 -14.10 12.50 -12.17
CA GLU A 102 -14.55 13.53 -13.09
C GLU A 102 -14.53 13.10 -14.56
N ASP A 103 -15.64 13.31 -15.26
CA ASP A 103 -15.73 13.01 -16.68
C ASP A 103 -14.81 13.91 -17.49
N GLU A 104 -13.85 13.30 -18.18
CA GLU A 104 -12.92 14.04 -19.04
C GLU A 104 -11.95 14.93 -18.26
N TYR A 105 -11.58 14.48 -17.05
CA TYR A 105 -10.54 15.15 -16.28
C TYR A 105 -9.31 15.25 -17.15
N TYR A 106 -9.20 14.30 -18.08
CA TYR A 106 -8.02 14.14 -18.94
C TYR A 106 -7.73 15.31 -19.89
N GLU A 107 -8.73 15.76 -20.63
CA GLU A 107 -8.54 16.75 -21.71
C GLU A 107 -7.51 17.83 -21.37
N GLU A 108 -7.89 18.70 -20.44
CA GLU A 108 -7.03 19.80 -20.02
C GLU A 108 -5.71 19.30 -19.46
N LEU A 109 -5.80 18.40 -18.48
CA LEU A 109 -4.65 17.84 -17.79
C LEU A 109 -3.61 17.27 -18.75
N VAL A 110 -4.07 16.45 -19.68
CA VAL A 110 -3.18 15.71 -20.56
C VAL A 110 -2.28 16.60 -21.41
N SER A 111 -2.82 17.72 -21.87
CA SER A 111 -2.05 18.64 -22.70
C SER A 111 -0.98 19.40 -21.91
N GLN A 112 -1.14 19.49 -20.59
CA GLN A 112 -0.22 20.29 -19.81
C GLN A 112 0.86 19.53 -19.05
N VAL A 113 0.77 18.20 -19.00
CA VAL A 113 1.79 17.43 -18.28
C VAL A 113 2.80 16.84 -19.26
N ASN A 114 3.87 16.25 -18.74
CA ASN A 114 5.00 15.88 -19.57
C ASN A 114 5.34 14.39 -19.53
N ILE A 115 4.48 13.61 -18.88
CA ILE A 115 4.58 12.16 -18.94
C ILE A 115 3.24 11.58 -19.36
N PRO A 116 3.26 10.39 -19.95
CA PRO A 116 2.00 9.80 -20.43
C PRO A 116 1.06 9.45 -19.29
N ILE A 117 -0.21 9.79 -19.49
CA ILE A 117 -1.28 9.47 -18.57
C ILE A 117 -2.14 8.38 -19.19
N LEU A 118 -2.41 7.33 -18.42
CA LEU A 118 -3.23 6.22 -18.86
C LEU A 118 -4.53 6.25 -18.09
N ASN A 119 -5.63 6.46 -18.80
CA ASN A 119 -6.95 6.56 -18.19
C ASN A 119 -7.44 5.19 -17.73
N ALA A 120 -7.59 5.02 -16.41
CA ALA A 120 -8.10 3.78 -15.84
C ALA A 120 -9.59 3.88 -15.55
N GLY A 121 -10.23 4.90 -16.11
CA GLY A 121 -11.65 5.14 -15.89
C GLY A 121 -11.91 6.55 -15.39
N ASP A 122 -12.61 7.33 -16.20
CA ASP A 122 -13.04 8.67 -15.82
C ASP A 122 -14.56 8.64 -15.84
N GLY A 123 -15.10 7.46 -15.54
CA GLY A 123 -16.53 7.21 -15.61
C GLY A 123 -17.39 8.34 -15.08
N CYS A 124 -18.57 8.49 -15.66
CA CYS A 124 -19.09 7.55 -16.66
C CYS A 124 -18.62 7.86 -18.09
N GLY A 125 -17.41 8.39 -18.24
CA GLY A 125 -16.87 8.76 -19.54
C GLY A 125 -16.29 7.58 -20.31
N GLN A 126 -14.99 7.36 -20.14
CA GLN A 126 -14.29 6.33 -20.90
C GLN A 126 -13.54 5.34 -20.00
N HIS A 127 -13.35 4.13 -20.52
CA HIS A 127 -12.52 3.13 -19.86
C HIS A 127 -11.77 2.38 -20.97
N PRO A 128 -10.77 3.03 -21.55
CA PRO A 128 -10.17 2.52 -22.79
C PRO A 128 -9.47 1.16 -22.66
N THR A 129 -8.81 0.88 -21.52
CA THR A 129 -8.17 -0.42 -21.40
C THR A 129 -9.20 -1.52 -21.22
N GLN A 130 -10.35 -1.19 -20.64
CA GLN A 130 -11.45 -2.15 -20.62
C GLN A 130 -11.97 -2.44 -22.05
N SER A 131 -12.15 -1.41 -22.88
CA SER A 131 -12.54 -1.67 -24.28
C SER A 131 -11.51 -2.51 -25.01
N LEU A 132 -10.24 -2.15 -24.86
CA LEU A 132 -9.19 -2.92 -25.52
C LEU A 132 -9.22 -4.40 -25.13
N LEU A 133 -9.41 -4.70 -23.85
CA LEU A 133 -9.33 -6.11 -23.46
C LEU A 133 -10.58 -6.86 -23.91
N ASP A 134 -11.72 -6.16 -23.96
CA ASP A 134 -12.95 -6.73 -24.53
C ASP A 134 -12.76 -7.04 -26.02
N LEU A 135 -12.20 -6.10 -26.75
CA LEU A 135 -11.89 -6.31 -28.16
C LEU A 135 -10.93 -7.49 -28.35
N MET A 136 -9.93 -7.57 -27.49
CA MET A 136 -8.94 -8.64 -27.58
C MET A 136 -9.61 -9.98 -27.39
N THR A 137 -10.54 -10.04 -26.45
CA THR A 137 -11.25 -11.28 -26.14
C THR A 137 -12.16 -11.69 -27.32
N ILE A 138 -12.83 -10.71 -27.90
CA ILE A 138 -13.68 -10.96 -29.06
C ILE A 138 -12.83 -11.41 -30.26
N TYR A 139 -11.70 -10.74 -30.45
CA TYR A 139 -10.83 -11.07 -31.57
C TYR A 139 -10.26 -12.47 -31.44
N GLU A 140 -9.90 -12.88 -30.22
CA GLU A 140 -9.42 -14.24 -30.01
C GLU A 140 -10.50 -15.26 -30.32
N GLU A 141 -11.77 -14.90 -30.09
CA GLU A 141 -12.86 -15.83 -30.30
C GLU A 141 -13.22 -16.02 -31.77
N PHE A 142 -13.20 -14.94 -32.54
CA PHE A 142 -13.70 -15.00 -33.93
C PHE A 142 -12.68 -14.64 -35.00
N ASN A 143 -11.58 -14.03 -34.59
CA ASN A 143 -10.51 -13.65 -35.51
C ASN A 143 -10.91 -12.55 -36.49
N THR A 144 -12.03 -11.91 -36.22
CA THR A 144 -12.40 -10.71 -36.94
C THR A 144 -13.45 -9.97 -36.13
N PHE A 145 -13.62 -8.68 -36.41
CA PHE A 145 -14.77 -7.93 -35.93
C PHE A 145 -15.83 -7.75 -37.02
N LYS A 146 -15.43 -7.96 -38.28
CA LYS A 146 -16.32 -7.67 -39.42
C LYS A 146 -17.47 -8.66 -39.53
N GLY A 147 -18.69 -8.13 -39.46
CA GLY A 147 -19.87 -8.98 -39.58
C GLY A 147 -20.36 -9.63 -38.30
N LEU A 148 -19.71 -9.32 -37.19
CA LEU A 148 -20.19 -9.80 -35.89
C LEU A 148 -21.41 -8.98 -35.46
N THR A 149 -22.29 -9.61 -34.69
CA THR A 149 -23.28 -8.84 -33.94
C THR A 149 -22.93 -8.91 -32.46
N VAL A 150 -22.74 -7.74 -31.84
CA VAL A 150 -22.42 -7.64 -30.42
C VAL A 150 -23.56 -6.88 -29.75
N SER A 151 -24.15 -7.46 -28.72
CA SER A 151 -25.21 -6.75 -28.01
C SER A 151 -24.73 -6.37 -26.60
N ILE A 152 -25.11 -5.18 -26.17
CA ILE A 152 -24.68 -4.62 -24.88
C ILE A 152 -25.93 -4.30 -24.05
N HIS A 153 -25.95 -4.73 -22.81
CA HIS A 153 -27.20 -4.78 -22.05
C HIS A 153 -27.13 -4.09 -20.69
N GLY A 154 -28.10 -3.22 -20.43
CA GLY A 154 -28.22 -2.61 -19.12
C GLY A 154 -28.37 -1.11 -19.21
N ASP A 155 -27.66 -0.41 -18.33
CA ASP A 155 -27.77 1.04 -18.26
C ASP A 155 -26.79 1.68 -19.24
N ILE A 156 -27.19 1.72 -20.51
CA ILE A 156 -26.32 2.17 -21.59
C ILE A 156 -25.95 3.64 -21.44
N LYS A 157 -26.93 4.44 -21.07
CA LYS A 157 -26.74 5.88 -20.97
C LYS A 157 -25.61 6.26 -20.00
N HIS A 158 -25.49 5.55 -18.88
CA HIS A 158 -24.48 5.91 -17.89
C HIS A 158 -23.24 5.02 -17.90
N SER A 159 -23.05 4.22 -18.94
CA SER A 159 -21.94 3.26 -18.93
C SER A 159 -20.71 3.75 -19.69
N ARG A 160 -19.56 3.81 -19.02
CA ARG A 160 -18.31 4.10 -19.71
C ARG A 160 -17.84 2.92 -20.57
N VAL A 161 -18.11 1.71 -20.12
CA VAL A 161 -17.83 0.51 -20.91
C VAL A 161 -18.68 0.54 -22.21
N ALA A 162 -20.00 0.65 -22.06
CA ALA A 162 -20.90 0.59 -23.21
C ALA A 162 -20.55 1.67 -24.23
N ARG A 163 -20.18 2.85 -23.73
CA ARG A 163 -19.73 4.00 -24.51
C ARG A 163 -18.37 3.80 -25.24
N SER A 164 -17.34 3.38 -24.50
CA SER A 164 -16.07 3.04 -25.14
C SER A 164 -16.33 1.99 -26.26
N ASN A 165 -17.25 1.04 -26.01
CA ASN A 165 -17.41 -0.14 -26.86
C ASN A 165 -18.27 0.01 -28.12
N ALA A 166 -19.46 0.60 -27.98
CA ALA A 166 -20.41 0.62 -29.10
C ALA A 166 -19.82 1.31 -30.32
N GLU A 167 -19.27 2.50 -30.14
CA GLU A 167 -18.74 3.24 -31.26
C GLU A 167 -17.53 2.55 -31.88
N VAL A 168 -16.62 2.05 -31.05
CA VAL A 168 -15.42 1.44 -31.60
C VAL A 168 -15.74 0.14 -32.34
N LEU A 169 -16.65 -0.66 -31.80
CA LEU A 169 -17.07 -1.88 -32.47
C LEU A 169 -17.63 -1.57 -33.86
N THR A 170 -18.47 -0.55 -33.98
CA THR A 170 -19.01 -0.21 -35.29
C THR A 170 -17.89 0.27 -36.25
N ARG A 171 -16.93 1.03 -35.73
CA ARG A 171 -15.79 1.44 -36.55
C ARG A 171 -15.03 0.23 -37.07
N LEU A 172 -15.01 -0.85 -36.27
CA LEU A 172 -14.30 -2.07 -36.63
C LEU A 172 -15.11 -3.03 -37.51
N GLY A 173 -16.36 -2.69 -37.79
CA GLY A 173 -17.14 -3.45 -38.74
C GLY A 173 -18.22 -4.32 -38.12
N ALA A 174 -18.44 -4.18 -36.82
CA ALA A 174 -19.46 -5.00 -36.15
C ALA A 174 -20.80 -4.27 -36.10
N ARG A 175 -21.87 -5.03 -35.94
CA ARG A 175 -23.21 -4.47 -35.73
C ARG A 175 -23.49 -4.49 -34.22
N VAL A 176 -23.90 -3.35 -33.65
CA VAL A 176 -24.12 -3.27 -32.20
C VAL A 176 -25.61 -3.18 -31.87
N LEU A 177 -26.04 -3.98 -30.90
CA LEU A 177 -27.41 -3.91 -30.39
C LEU A 177 -27.37 -3.51 -28.92
N PHE A 178 -28.43 -2.83 -28.45
CA PHE A 178 -28.56 -2.51 -27.02
C PHE A 178 -29.86 -3.11 -26.51
N SER A 179 -29.89 -3.50 -25.24
CA SER A 179 -31.16 -3.82 -24.60
C SER A 179 -31.11 -3.36 -23.16
N GLY A 180 -32.28 -3.25 -22.54
CA GLY A 180 -32.40 -2.94 -21.13
C GLY A 180 -33.59 -2.02 -20.92
N PRO A 181 -33.77 -1.53 -19.69
CA PRO A 181 -34.89 -0.61 -19.45
C PRO A 181 -34.83 0.54 -20.42
N SER A 182 -35.97 0.88 -21.01
CA SER A 182 -35.98 1.89 -22.05
C SER A 182 -35.53 3.24 -21.48
N GLU A 183 -35.75 3.45 -20.18
CA GLU A 183 -35.41 4.72 -19.58
C GLU A 183 -33.90 4.90 -19.38
N TRP A 184 -33.14 3.80 -19.54
CA TRP A 184 -31.69 3.83 -19.39
C TRP A 184 -30.99 3.88 -20.74
N GLN A 185 -31.79 4.03 -21.79
CA GLN A 185 -31.25 4.09 -23.12
C GLN A 185 -31.03 5.55 -23.49
N ASP A 186 -30.04 5.82 -24.32
CA ASP A 186 -29.97 7.13 -24.94
C ASP A 186 -30.47 7.01 -26.37
N GLU A 187 -31.78 7.23 -26.54
CA GLU A 187 -32.40 7.11 -27.85
C GLU A 187 -31.98 8.25 -28.78
N GLU A 188 -30.72 8.67 -28.65
CA GLU A 188 -30.08 9.56 -29.62
C GLU A 188 -28.78 8.91 -30.09
N ASN A 189 -28.64 7.63 -29.79
CA ASN A 189 -27.44 6.90 -30.17
C ASN A 189 -27.44 6.51 -31.64
N THR A 190 -26.32 6.75 -32.30
CA THR A 190 -26.21 6.40 -33.71
C THR A 190 -25.52 5.05 -33.87
N PHE A 191 -24.89 4.56 -32.79
CA PHE A 191 -24.01 3.40 -32.89
C PHE A 191 -24.65 2.04 -32.59
N GLY A 192 -25.84 2.02 -32.03
CA GLY A 192 -26.50 0.75 -31.78
C GLY A 192 -27.98 0.76 -32.04
N THR A 193 -28.56 -0.43 -32.19
CA THR A 193 -30.00 -0.56 -32.36
C THR A 193 -30.57 -1.19 -31.11
N TYR A 194 -31.56 -0.52 -30.53
CA TYR A 194 -32.23 -1.00 -29.32
C TYR A 194 -33.19 -2.14 -29.65
N VAL A 195 -33.09 -3.23 -28.91
CA VAL A 195 -33.98 -4.38 -29.11
C VAL A 195 -34.30 -4.99 -27.74
N SER A 196 -35.10 -6.05 -27.70
CA SER A 196 -35.27 -6.80 -26.45
C SER A 196 -34.13 -7.80 -26.25
N MET A 197 -33.82 -8.10 -24.99
CA MET A 197 -32.86 -9.14 -24.67
C MET A 197 -33.23 -10.47 -25.37
N ASP A 198 -34.53 -10.79 -25.40
CA ASP A 198 -34.99 -12.04 -26.00
C ASP A 198 -34.68 -12.14 -27.49
N GLU A 199 -34.68 -11.00 -28.17
CA GLU A 199 -34.26 -10.95 -29.56
C GLU A 199 -32.72 -10.96 -29.67
N ALA A 200 -32.06 -10.13 -28.87
CA ALA A 200 -30.60 -10.04 -28.89
C ALA A 200 -29.90 -11.38 -28.67
N VAL A 201 -30.38 -12.20 -27.74
CA VAL A 201 -29.65 -13.44 -27.46
C VAL A 201 -29.57 -14.37 -28.65
N GLU A 202 -30.55 -14.30 -29.54
CA GLU A 202 -30.55 -15.22 -30.67
C GLU A 202 -29.71 -14.72 -31.82
N SER A 203 -29.57 -13.40 -31.94
CA SER A 203 -28.84 -12.84 -33.08
C SER A 203 -27.39 -12.44 -32.78
N SER A 204 -26.99 -12.47 -31.52
CA SER A 204 -25.67 -11.95 -31.13
C SER A 204 -24.57 -13.00 -31.23
N ASP A 205 -23.40 -12.60 -31.70
CA ASP A 205 -22.18 -13.39 -31.50
C ASP A 205 -21.55 -13.13 -30.12
N VAL A 206 -21.82 -11.94 -29.57
CA VAL A 206 -21.30 -11.57 -28.26
C VAL A 206 -22.46 -10.97 -27.46
N VAL A 207 -22.72 -11.52 -26.28
CA VAL A 207 -23.70 -10.94 -25.36
C VAL A 207 -22.93 -10.29 -24.22
N MET A 208 -22.83 -8.96 -24.26
CA MET A 208 -22.03 -8.23 -23.26
C MET A 208 -22.93 -7.62 -22.20
N LEU A 209 -22.79 -8.08 -20.96
CA LEU A 209 -23.61 -7.60 -19.85
C LEU A 209 -22.90 -6.50 -19.08
N LEU A 210 -23.66 -5.55 -18.56
CA LEU A 210 -23.11 -4.51 -17.70
C LEU A 210 -23.53 -4.81 -16.26
N ARG A 211 -22.78 -4.29 -15.29
CA ARG A 211 -23.19 -4.41 -13.90
C ARG A 211 -24.43 -3.55 -13.68
N ILE A 212 -25.46 -4.11 -13.06
CA ILE A 212 -26.62 -3.30 -12.67
C ILE A 212 -26.32 -2.81 -11.25
N GLN A 213 -25.97 -1.54 -11.12
CA GLN A 213 -25.50 -0.97 -9.86
C GLN A 213 -26.60 -0.92 -8.79
N ASN A 214 -26.28 -1.43 -7.60
CA ASN A 214 -27.16 -1.31 -6.44
C ASN A 214 -27.09 0.12 -5.90
N GLU A 215 -25.87 0.66 -5.97
CA GLU A 215 -25.52 1.90 -5.29
C GLU A 215 -25.83 3.16 -6.09
N ARG A 216 -26.24 3.00 -7.34
CA ARG A 216 -26.41 4.16 -8.21
C ARG A 216 -27.78 4.25 -8.90
N HIS A 217 -28.51 3.14 -8.94
CA HIS A 217 -29.78 3.12 -9.68
C HIS A 217 -30.87 3.96 -9.01
N GLN A 218 -30.83 5.26 -9.26
CA GLN A 218 -31.81 6.21 -8.76
C GLN A 218 -33.03 6.15 -9.66
N SER A 219 -33.59 4.95 -9.80
CA SER A 219 -34.58 4.65 -10.82
C SER A 219 -35.82 3.94 -10.28
N ALA A 220 -36.73 3.63 -11.19
CA ALA A 220 -37.91 2.83 -10.88
C ALA A 220 -37.66 1.38 -11.30
N VAL A 221 -36.39 0.97 -11.25
CA VAL A 221 -35.97 -0.34 -11.74
C VAL A 221 -35.48 -1.27 -10.62
N SER A 222 -36.38 -2.16 -10.20
CA SER A 222 -36.11 -3.14 -9.15
C SER A 222 -35.04 -4.17 -9.54
N GLN A 223 -34.17 -4.51 -8.59
CA GLN A 223 -33.14 -5.50 -8.82
C GLN A 223 -33.69 -6.91 -8.68
N GLU A 224 -34.72 -7.07 -7.85
CA GLU A 224 -35.24 -8.39 -7.50
C GLU A 224 -35.82 -9.13 -8.72
N GLY A 225 -36.54 -8.39 -9.56
CA GLY A 225 -37.12 -8.99 -10.75
C GLY A 225 -36.30 -8.75 -12.02
N TYR A 226 -35.15 -8.10 -11.87
CA TYR A 226 -34.37 -7.65 -13.03
C TYR A 226 -33.98 -8.81 -13.93
N LEU A 227 -33.47 -9.89 -13.33
CA LEU A 227 -32.95 -11.01 -14.09
C LEU A 227 -34.01 -11.59 -15.02
N ASN A 228 -35.18 -11.92 -14.47
CA ASN A 228 -36.29 -12.44 -15.24
C ASN A 228 -36.76 -11.44 -16.31
N LYS A 229 -36.88 -10.19 -15.93
CA LYS A 229 -37.42 -9.16 -16.80
C LYS A 229 -36.48 -8.77 -17.95
N TYR A 230 -35.21 -8.55 -17.64
CA TYR A 230 -34.27 -7.95 -18.57
C TYR A 230 -32.95 -8.71 -18.74
N GLY A 231 -32.61 -9.54 -17.76
CA GLY A 231 -31.26 -10.10 -17.69
C GLY A 231 -31.04 -11.40 -18.45
N LEU A 232 -29.81 -11.92 -18.36
CA LEU A 232 -29.49 -13.15 -19.04
C LEU A 232 -29.86 -14.32 -18.16
N THR A 233 -31.08 -14.81 -18.34
CA THR A 233 -31.55 -15.99 -17.62
C THR A 233 -30.94 -17.24 -18.27
N VAL A 234 -31.05 -18.36 -17.58
CA VAL A 234 -30.66 -19.65 -18.14
C VAL A 234 -31.44 -19.94 -19.44
N GLU A 235 -32.74 -19.69 -19.42
CA GLU A 235 -33.57 -19.91 -20.61
C GLU A 235 -33.14 -19.03 -21.79
N ARG A 236 -32.77 -17.79 -21.51
CA ARG A 236 -32.28 -16.91 -22.58
C ARG A 236 -30.91 -17.35 -23.08
N ALA A 237 -30.04 -17.77 -22.16
CA ALA A 237 -28.71 -18.21 -22.54
C ALA A 237 -28.77 -19.46 -23.40
N GLU A 238 -29.71 -20.35 -23.09
CA GLU A 238 -29.90 -21.56 -23.90
C GLU A 238 -30.28 -21.27 -25.34
N ARG A 239 -30.76 -20.05 -25.61
CA ARG A 239 -31.13 -19.71 -26.98
C ARG A 239 -30.02 -18.94 -27.70
N MET A 240 -28.84 -18.88 -27.09
CA MET A 240 -27.72 -18.20 -27.73
C MET A 240 -27.20 -19.00 -28.90
N LYS A 241 -26.52 -18.32 -29.83
CA LYS A 241 -25.91 -18.99 -30.97
C LYS A 241 -24.85 -19.97 -30.50
N ARG A 242 -24.60 -21.00 -31.32
CA ARG A 242 -23.68 -22.08 -30.94
C ARG A 242 -22.31 -21.56 -30.53
N HIS A 243 -21.78 -20.62 -31.28
CA HIS A 243 -20.43 -20.13 -31.07
C HIS A 243 -20.40 -18.76 -30.38
N ALA A 244 -21.54 -18.33 -29.84
CA ALA A 244 -21.61 -17.04 -29.17
C ALA A 244 -20.99 -17.09 -27.77
N ILE A 245 -20.61 -15.93 -27.26
CA ILE A 245 -19.99 -15.85 -25.94
C ILE A 245 -20.64 -14.78 -25.07
N ILE A 246 -20.53 -14.99 -23.77
CA ILE A 246 -21.00 -14.03 -22.77
C ILE A 246 -19.80 -13.25 -22.22
N MET A 247 -19.94 -11.93 -22.14
CA MET A 247 -18.91 -11.06 -21.58
C MET A 247 -19.51 -10.13 -20.52
N HIS A 248 -18.66 -9.66 -19.60
CA HIS A 248 -19.08 -8.80 -18.49
C HIS A 248 -17.79 -8.19 -17.93
N PRO A 249 -17.74 -6.86 -17.81
CA PRO A 249 -16.45 -6.31 -17.35
C PRO A 249 -16.21 -6.57 -15.85
N ALA A 250 -17.24 -6.99 -15.11
CA ALA A 250 -17.13 -7.22 -13.67
C ALA A 250 -16.90 -5.91 -12.90
N PRO A 251 -17.16 -5.91 -11.58
CA PRO A 251 -17.62 -7.04 -10.77
C PRO A 251 -19.04 -7.43 -11.16
N VAL A 252 -19.35 -8.73 -11.08
CA VAL A 252 -20.65 -9.22 -11.46
C VAL A 252 -21.63 -9.18 -10.29
N ASN A 253 -22.81 -8.66 -10.54
CA ASN A 253 -23.89 -8.68 -9.56
C ASN A 253 -24.70 -9.94 -9.81
N ARG A 254 -24.25 -11.05 -9.22
CA ARG A 254 -24.84 -12.36 -9.50
C ARG A 254 -26.34 -12.40 -9.17
N GLY A 255 -27.14 -12.91 -10.10
CA GLY A 255 -28.56 -13.01 -9.90
C GLY A 255 -29.31 -11.76 -10.30
N VAL A 256 -28.58 -10.75 -10.77
CA VAL A 256 -29.23 -9.53 -11.27
C VAL A 256 -29.12 -9.42 -12.79
N GLU A 257 -27.97 -8.99 -13.32
CA GLU A 257 -27.81 -8.95 -14.78
C GLU A 257 -27.67 -10.34 -15.41
N ILE A 258 -27.29 -11.33 -14.61
CA ILE A 258 -27.01 -12.66 -15.14
C ILE A 258 -27.35 -13.71 -14.10
N ASP A 259 -27.78 -14.89 -14.54
CA ASP A 259 -28.02 -15.99 -13.63
C ASP A 259 -26.69 -16.46 -13.05
N ASP A 260 -26.70 -16.77 -11.75
CA ASP A 260 -25.47 -17.15 -11.05
C ASP A 260 -24.76 -18.32 -11.72
N SER A 261 -25.55 -19.24 -12.29
CA SER A 261 -24.99 -20.44 -12.88
C SER A 261 -24.24 -20.18 -14.19
N LEU A 262 -24.37 -18.98 -14.74
CA LEU A 262 -23.81 -18.72 -16.08
C LEU A 262 -22.43 -18.05 -16.06
N VAL A 263 -22.05 -17.45 -14.94
CA VAL A 263 -20.78 -16.70 -14.86
C VAL A 263 -19.56 -17.53 -15.31
N GLU A 264 -19.56 -18.80 -14.98
CA GLU A 264 -18.49 -19.69 -15.40
C GLU A 264 -19.00 -20.85 -16.24
N SER A 265 -20.02 -20.61 -17.04
CA SER A 265 -20.55 -21.63 -17.93
C SER A 265 -19.68 -21.70 -19.19
N GLU A 266 -19.95 -22.68 -20.05
CA GLU A 266 -19.16 -22.93 -21.26
C GLU A 266 -18.97 -21.73 -22.21
N LYS A 267 -20.02 -20.92 -22.38
CA LYS A 267 -19.95 -19.80 -23.33
C LYS A 267 -19.41 -18.52 -22.69
N SER A 268 -19.19 -18.56 -21.38
CA SER A 268 -18.70 -17.39 -20.68
C SER A 268 -17.21 -17.14 -20.91
N ARG A 269 -16.86 -15.89 -21.18
CA ARG A 269 -15.46 -15.48 -21.24
C ARG A 269 -15.14 -14.41 -20.21
N ILE A 270 -15.95 -14.35 -19.15
CA ILE A 270 -15.82 -13.29 -18.16
C ILE A 270 -14.45 -13.29 -17.48
N PHE A 271 -13.99 -14.45 -17.02
CA PHE A 271 -12.66 -14.53 -16.40
C PHE A 271 -11.53 -14.48 -17.43
N LYS A 272 -11.78 -14.94 -18.66
CA LYS A 272 -10.78 -14.77 -19.72
C LYS A 272 -10.50 -13.29 -19.99
N GLN A 273 -11.54 -12.46 -19.96
CA GLN A 273 -11.38 -11.01 -20.07
C GLN A 273 -10.35 -10.49 -19.07
N MET A 274 -10.49 -10.92 -17.82
CA MET A 274 -9.58 -10.45 -16.77
C MET A 274 -8.15 -10.91 -17.03
N LYS A 275 -7.98 -12.13 -17.53
CA LYS A 275 -6.65 -12.61 -17.91
C LYS A 275 -6.03 -11.67 -18.94
N ASN A 276 -6.83 -11.33 -19.96
CA ASN A 276 -6.38 -10.53 -21.10
C ASN A 276 -6.05 -9.11 -20.70
N GLY A 277 -6.77 -8.59 -19.72
CA GLY A 277 -6.53 -7.22 -19.28
C GLY A 277 -5.08 -6.96 -18.89
N VAL A 278 -4.40 -7.95 -18.32
CA VAL A 278 -3.01 -7.72 -17.94
C VAL A 278 -2.13 -7.46 -19.19
N PHE A 279 -2.29 -8.30 -20.21
CA PHE A 279 -1.48 -8.17 -21.43
C PHE A 279 -1.82 -6.95 -22.24
N ILE A 280 -3.11 -6.61 -22.30
CA ILE A 280 -3.52 -5.34 -22.88
C ILE A 280 -2.83 -4.16 -22.18
N ARG A 281 -2.83 -4.16 -20.86
CA ARG A 281 -2.24 -3.07 -20.10
C ARG A 281 -0.71 -3.03 -20.24
N MET A 282 -0.08 -4.19 -20.35
CA MET A 282 1.34 -4.24 -20.69
C MET A 282 1.59 -3.55 -22.05
N ALA A 283 0.79 -3.91 -23.06
CA ALA A 283 0.96 -3.32 -24.40
C ALA A 283 0.76 -1.82 -24.37
N VAL A 284 -0.22 -1.36 -23.60
CA VAL A 284 -0.51 0.07 -23.52
C VAL A 284 0.60 0.84 -22.83
N ILE A 285 1.22 0.24 -21.81
CA ILE A 285 2.36 0.86 -21.14
C ILE A 285 3.57 0.92 -22.09
N GLN A 286 3.79 -0.17 -22.84
CA GLN A 286 4.87 -0.19 -23.82
C GLN A 286 4.65 0.88 -24.88
N ARG A 287 3.40 1.08 -25.29
CA ARG A 287 3.10 2.15 -26.23
C ARG A 287 3.37 3.53 -25.61
N ALA A 288 3.04 3.69 -24.33
CA ALA A 288 3.26 4.95 -23.62
C ALA A 288 4.73 5.35 -23.54
N LEU A 289 5.61 4.37 -23.36
CA LEU A 289 7.01 4.64 -23.00
C LEU A 289 8.01 4.31 -24.10
N GLN A 290 7.54 3.93 -25.27
CA GLN A 290 8.47 3.60 -26.34
C GLN A 290 9.03 4.86 -27.01
N THR A 291 10.26 4.73 -27.50
CA THR A 291 10.93 5.80 -28.23
C THR A 291 11.47 5.28 -29.55
N MET B 1 -0.52 -27.81 -5.12
CA MET B 1 -1.29 -26.78 -4.40
C MET B 1 -1.67 -27.25 -2.98
N LYS B 2 -1.04 -26.64 -1.98
CA LYS B 2 -1.30 -26.97 -0.58
C LYS B 2 -1.76 -25.74 0.17
N HIS B 3 -3.04 -25.71 0.55
CA HIS B 3 -3.59 -24.64 1.35
C HIS B 3 -3.05 -24.73 2.78
N LEU B 4 -3.01 -23.62 3.50
CA LEU B 4 -2.79 -23.68 4.94
C LEU B 4 -3.98 -23.02 5.67
N THR B 5 -4.80 -23.82 6.31
CA THR B 5 -5.98 -23.29 6.98
C THR B 5 -5.86 -23.36 8.50
N THR B 6 -5.69 -24.56 9.04
CA THR B 6 -5.58 -24.75 10.49
C THR B 6 -4.47 -25.77 10.82
N MET B 7 -3.95 -25.70 12.04
CA MET B 7 -2.96 -26.66 12.52
C MET B 7 -3.51 -28.08 12.53
N SER B 8 -4.78 -28.23 12.88
CA SER B 8 -5.37 -29.57 12.97
C SER B 8 -5.42 -30.29 11.63
N GLU B 9 -5.32 -29.56 10.53
CA GLU B 9 -5.29 -30.18 9.20
C GLU B 9 -3.89 -30.65 8.79
N LEU B 10 -2.88 -30.25 9.55
CA LEU B 10 -1.52 -30.74 9.28
C LEU B 10 -1.22 -31.99 10.10
N SER B 11 -0.54 -32.95 9.49
CA SER B 11 -0.03 -34.09 10.24
C SER B 11 1.20 -33.65 11.03
N THR B 12 1.61 -34.44 12.02
CA THR B 12 2.79 -34.10 12.79
C THR B 12 4.04 -34.16 11.90
N GLU B 13 4.05 -35.08 10.94
CA GLU B 13 5.14 -35.12 9.97
C GLU B 13 5.19 -33.85 9.09
N GLU B 14 4.04 -33.37 8.64
CA GLU B 14 3.98 -32.12 7.88
C GLU B 14 4.50 -30.93 8.68
N ILE B 15 4.09 -30.84 9.94
CA ILE B 15 4.57 -29.80 10.84
C ILE B 15 6.09 -29.86 10.99
N LYS B 16 6.61 -31.06 11.23
CA LYS B 16 8.05 -31.23 11.39
C LYS B 16 8.84 -30.89 10.12
N ASP B 17 8.29 -31.25 8.98
CA ASP B 17 8.91 -30.88 7.71
C ASP B 17 8.96 -29.35 7.51
N LEU B 18 7.86 -28.67 7.81
CA LEU B 18 7.82 -27.21 7.70
C LEU B 18 8.84 -26.51 8.60
N LEU B 19 8.93 -26.97 9.84
CA LEU B 19 9.89 -26.44 10.80
C LEU B 19 11.30 -26.67 10.28
N GLN B 20 11.52 -27.84 9.71
CA GLN B 20 12.83 -28.18 9.18
C GLN B 20 13.20 -27.34 7.98
N THR B 21 12.25 -27.16 7.07
CA THR B 21 12.47 -26.27 5.94
C THR B 21 12.74 -24.85 6.45
N ALA B 22 11.95 -24.39 7.39
CA ALA B 22 12.13 -23.02 7.88
C ALA B 22 13.51 -22.86 8.50
N GLN B 23 13.94 -23.86 9.26
CA GLN B 23 15.26 -23.82 9.87
C GLN B 23 16.34 -23.72 8.79
N GLU B 24 16.17 -24.47 7.70
CA GLU B 24 17.14 -24.40 6.59
C GLU B 24 17.16 -23.02 5.94
N LEU B 25 16.00 -22.41 5.76
CA LEU B 25 15.94 -21.09 5.17
C LEU B 25 16.55 -20.05 6.11
N LYS B 26 16.29 -20.22 7.40
CA LYS B 26 16.89 -19.34 8.40
C LYS B 26 18.42 -19.41 8.33
N SER B 27 18.93 -20.61 8.05
CA SER B 27 20.37 -20.81 7.89
C SER B 27 20.95 -20.17 6.63
N GLY B 28 20.08 -19.76 5.70
CA GLY B 28 20.55 -19.08 4.50
C GLY B 28 20.32 -19.83 3.18
N LYS B 29 19.81 -21.04 3.26
CA LYS B 29 19.42 -21.76 2.06
C LYS B 29 18.46 -20.93 1.21
N THR B 30 18.71 -20.86 -0.07
CA THR B 30 17.89 -20.03 -0.94
C THR B 30 17.88 -20.62 -2.34
N ASP B 31 16.82 -20.35 -3.09
CA ASP B 31 16.78 -20.72 -4.49
C ASP B 31 15.85 -19.81 -5.29
N ASN B 32 15.85 -19.98 -6.61
CA ASN B 32 15.16 -19.05 -7.48
C ASN B 32 13.84 -19.61 -8.00
N GLN B 33 13.38 -20.70 -7.41
CA GLN B 33 12.18 -21.37 -7.92
C GLN B 33 10.92 -20.49 -7.95
N LEU B 34 10.83 -19.50 -7.07
CA LEU B 34 9.61 -18.69 -7.01
C LEU B 34 9.83 -17.26 -7.48
N THR B 35 11.05 -16.96 -7.93
CA THR B 35 11.35 -15.61 -8.40
C THR B 35 10.37 -15.20 -9.49
N GLY B 36 9.80 -14.00 -9.36
CA GLY B 36 8.86 -13.51 -10.34
C GLY B 36 7.41 -13.90 -10.14
N LYS B 37 7.16 -14.96 -9.36
CA LYS B 37 5.77 -15.33 -9.06
C LYS B 37 5.05 -14.24 -8.25
N PHE B 38 3.71 -14.28 -8.21
CA PHE B 38 2.93 -13.23 -7.55
C PHE B 38 2.22 -13.76 -6.30
N ALA B 39 2.38 -13.04 -5.20
CA ALA B 39 1.64 -13.31 -3.98
C ALA B 39 0.72 -12.13 -3.74
N ALA B 40 -0.52 -12.43 -3.33
CA ALA B 40 -1.43 -11.34 -2.94
C ALA B 40 -1.73 -11.42 -1.44
N ASN B 41 -1.53 -10.31 -0.73
CA ASN B 41 -1.86 -10.22 0.69
C ASN B 41 -3.19 -9.49 0.85
N LEU B 42 -4.21 -10.23 1.25
CA LEU B 42 -5.55 -9.68 1.37
C LEU B 42 -5.85 -9.55 2.83
N PHE B 43 -5.47 -8.43 3.41
CA PHE B 43 -5.71 -8.24 4.81
C PHE B 43 -6.96 -7.38 4.99
N PHE B 44 -8.11 -8.04 4.99
CA PHE B 44 -9.41 -7.38 5.11
C PHE B 44 -9.54 -6.80 6.51
N GLU B 45 -8.89 -7.46 7.46
CA GLU B 45 -8.80 -7.00 8.83
C GLU B 45 -7.36 -6.62 9.11
N PRO B 46 -7.16 -5.70 10.05
CA PRO B 46 -5.81 -5.16 10.26
C PRO B 46 -4.87 -6.15 10.90
N SER B 47 -3.58 -5.84 10.81
CA SER B 47 -2.55 -6.59 11.51
C SER B 47 -1.27 -5.82 11.35
N THR B 48 -0.55 -5.59 12.43
CA THR B 48 0.74 -4.98 12.24
C THR B 48 1.64 -5.99 11.56
N ARG B 49 2.06 -6.96 12.37
CA ARG B 49 3.23 -7.77 12.09
C ARG B 49 3.04 -8.98 11.17
N THR B 50 1.84 -9.55 11.09
CA THR B 50 1.67 -10.76 10.30
C THR B 50 1.82 -10.41 8.80
N ARG B 51 1.22 -9.30 8.38
CA ARG B 51 1.32 -8.87 6.98
C ARG B 51 2.75 -8.54 6.57
N PHE B 52 3.46 -7.79 7.40
CA PHE B 52 4.84 -7.42 7.13
C PHE B 52 5.77 -8.62 7.08
N SER B 53 5.52 -9.57 7.96
CA SER B 53 6.30 -10.80 8.01
C SER B 53 6.09 -11.63 6.73
N PHE B 54 4.84 -11.76 6.31
CA PHE B 54 4.54 -12.40 5.02
C PHE B 54 5.18 -11.67 3.84
N GLU B 55 5.13 -10.34 3.88
CA GLU B 55 5.69 -9.57 2.77
C GLU B 55 7.21 -9.74 2.68
N VAL B 56 7.91 -9.69 3.81
CA VAL B 56 9.34 -9.98 3.79
C VAL B 56 9.61 -11.39 3.24
N ALA B 57 8.82 -12.37 3.68
CA ALA B 57 8.98 -13.75 3.24
C ALA B 57 8.83 -13.83 1.73
N GLU B 58 7.75 -13.22 1.23
CA GLU B 58 7.47 -13.23 -0.21
C GLU B 58 8.63 -12.60 -0.97
N LYS B 59 9.08 -11.45 -0.49
CA LYS B 59 10.17 -10.75 -1.16
C LYS B 59 11.50 -11.48 -1.08
N LYS B 60 11.79 -12.14 0.05
CA LYS B 60 12.98 -12.97 0.14
C LYS B 60 12.94 -14.17 -0.78
N LEU B 61 11.74 -14.60 -1.16
CA LEU B 61 11.61 -15.69 -2.12
C LEU B 61 11.68 -15.17 -3.56
N GLY B 62 11.90 -13.87 -3.72
CA GLY B 62 11.92 -13.26 -5.05
C GLY B 62 10.55 -12.97 -5.66
N MET B 63 9.49 -13.01 -4.86
CA MET B 63 8.14 -12.84 -5.42
C MET B 63 7.74 -11.38 -5.60
N ASN B 64 6.87 -11.13 -6.58
CA ASN B 64 6.17 -9.86 -6.69
C ASN B 64 4.99 -9.89 -5.75
N VAL B 65 4.59 -8.73 -5.23
CA VAL B 65 3.62 -8.66 -4.14
C VAL B 65 2.49 -7.69 -4.43
N LEU B 66 1.26 -8.14 -4.28
CA LEU B 66 0.11 -7.24 -4.37
C LEU B 66 -0.49 -7.13 -2.97
N ASN B 67 -0.73 -5.90 -2.52
CA ASN B 67 -1.36 -5.70 -1.21
C ASN B 67 -2.76 -5.15 -1.36
N LEU B 68 -3.75 -5.86 -0.80
CA LEU B 68 -5.16 -5.42 -0.77
C LEU B 68 -5.67 -5.32 0.67
N ASP B 69 -6.72 -4.53 0.90
CA ASP B 69 -7.35 -4.50 2.23
C ASP B 69 -8.85 -4.21 2.26
N GLY B 70 -9.52 -4.43 1.14
CA GLY B 70 -10.98 -4.36 1.08
C GLY B 70 -11.56 -2.96 0.93
N THR B 71 -10.88 -1.97 1.50
CA THR B 71 -11.36 -0.59 1.47
C THR B 71 -11.51 -0.07 0.03
N SER B 72 -10.38 0.12 -0.65
CA SER B 72 -10.38 0.73 -1.98
C SER B 72 -10.49 -0.28 -3.12
N THR B 73 -10.87 -1.52 -2.79
CA THR B 73 -11.15 -2.50 -3.83
C THR B 73 -12.66 -2.61 -4.12
N SER B 74 -12.99 -3.09 -5.32
CA SER B 74 -14.36 -3.39 -5.71
C SER B 74 -14.95 -4.53 -4.84
N VAL B 75 -14.20 -4.94 -3.81
CA VAL B 75 -14.68 -5.87 -2.79
C VAL B 75 -15.85 -5.24 -2.03
N GLN B 76 -15.68 -3.96 -1.68
CA GLN B 76 -16.70 -3.21 -0.95
C GLN B 76 -17.99 -3.09 -1.75
N LYS B 77 -17.92 -3.40 -3.04
CA LYS B 77 -19.12 -3.66 -3.83
C LYS B 77 -19.71 -4.99 -3.36
N GLY B 78 -20.58 -5.59 -4.18
CA GLY B 78 -21.17 -6.85 -3.79
C GLY B 78 -20.28 -8.03 -4.08
N GLU B 79 -19.06 -7.78 -4.54
CA GLU B 79 -18.21 -8.87 -5.04
C GLU B 79 -17.88 -9.93 -3.98
N THR B 80 -18.19 -11.18 -4.30
CA THR B 80 -17.92 -12.27 -3.36
C THR B 80 -16.44 -12.55 -3.24
N LEU B 81 -16.05 -13.17 -2.13
CA LEU B 81 -14.66 -13.50 -1.88
C LEU B 81 -14.15 -14.44 -2.97
N TYR B 82 -14.97 -15.44 -3.30
CA TYR B 82 -14.68 -16.34 -4.40
C TYR B 82 -14.35 -15.57 -5.70
N ASP B 83 -15.20 -14.60 -6.05
CA ASP B 83 -14.98 -13.82 -7.26
C ASP B 83 -13.67 -13.01 -7.18
N THR B 84 -13.37 -12.48 -6.01
CA THR B 84 -12.13 -11.74 -5.78
C THR B 84 -10.92 -12.63 -6.02
N ILE B 85 -10.95 -13.84 -5.43
CA ILE B 85 -9.85 -14.78 -5.61
C ILE B 85 -9.74 -15.21 -7.08
N ARG B 86 -10.86 -15.60 -7.69
CA ARG B 86 -10.85 -15.98 -9.12
C ARG B 86 -10.32 -14.84 -9.99
N THR B 87 -10.67 -13.61 -9.64
CA THR B 87 -10.13 -12.44 -10.32
C THR B 87 -8.60 -12.39 -10.19
N LEU B 88 -8.10 -12.59 -8.97
CA LEU B 88 -6.66 -12.59 -8.72
C LEU B 88 -5.97 -13.72 -9.48
N GLU B 89 -6.55 -14.92 -9.46
CA GLU B 89 -6.06 -16.01 -10.32
C GLU B 89 -5.91 -15.58 -11.77
N SER B 90 -6.94 -14.94 -12.31
CA SER B 90 -6.96 -14.57 -13.73
C SER B 90 -5.85 -13.59 -14.09
N ILE B 91 -5.60 -12.62 -13.21
CA ILE B 91 -4.53 -11.65 -13.47
C ILE B 91 -3.12 -12.18 -13.11
N GLY B 92 -3.05 -13.41 -12.65
CA GLY B 92 -1.76 -14.07 -12.51
C GLY B 92 -1.22 -14.27 -11.10
N VAL B 93 -2.07 -14.09 -10.08
CA VAL B 93 -1.62 -14.33 -8.71
C VAL B 93 -1.45 -15.84 -8.48
N ASP B 94 -0.34 -16.25 -7.85
CA ASP B 94 -0.07 -17.66 -7.62
C ASP B 94 -0.48 -18.16 -6.24
N VAL B 95 -0.55 -17.26 -5.28
CA VAL B 95 -0.92 -17.64 -3.91
C VAL B 95 -1.54 -16.43 -3.21
N CYS B 96 -2.54 -16.69 -2.38
CA CYS B 96 -3.18 -15.62 -1.62
CA CYS B 96 -3.17 -15.63 -1.64
C CYS B 96 -3.01 -15.82 -0.13
N VAL B 97 -2.61 -14.77 0.56
CA VAL B 97 -2.56 -14.77 2.00
C VAL B 97 -3.74 -13.93 2.50
N ILE B 98 -4.58 -14.52 3.34
CA ILE B 98 -5.82 -13.87 3.72
C ILE B 98 -6.04 -13.75 5.22
N ARG B 99 -6.25 -12.53 5.68
CA ARG B 99 -6.79 -12.30 7.03
C ARG B 99 -8.20 -11.73 6.86
N HIS B 100 -9.20 -12.43 7.39
CA HIS B 100 -10.61 -12.10 7.09
C HIS B 100 -11.46 -12.30 8.33
N SER B 101 -12.51 -11.50 8.46
CA SER B 101 -13.34 -11.50 9.68
C SER B 101 -14.36 -12.63 9.75
N GLU B 102 -14.71 -13.19 8.60
CA GLU B 102 -15.73 -14.25 8.56
C GLU B 102 -15.22 -15.56 9.16
N ASP B 103 -16.05 -16.15 10.02
CA ASP B 103 -15.78 -17.47 10.58
C ASP B 103 -15.51 -18.46 9.48
N GLU B 104 -14.34 -19.10 9.53
CA GLU B 104 -13.98 -20.15 8.59
C GLU B 104 -14.29 -19.79 7.15
N TYR B 105 -13.94 -18.56 6.76
CA TYR B 105 -14.14 -18.10 5.40
C TYR B 105 -13.52 -19.12 4.45
N TYR B 106 -12.40 -19.71 4.87
CA TYR B 106 -11.60 -20.61 4.04
C TYR B 106 -12.31 -21.90 3.61
N GLU B 107 -13.08 -22.51 4.51
CA GLU B 107 -13.60 -23.85 4.28
C GLU B 107 -14.37 -23.99 2.97
N GLU B 108 -15.30 -23.08 2.73
CA GLU B 108 -16.03 -23.04 1.48
C GLU B 108 -15.05 -22.73 0.35
N LEU B 109 -14.32 -21.64 0.54
CA LEU B 109 -13.37 -21.13 -0.45
C LEU B 109 -12.32 -22.15 -0.97
N VAL B 110 -11.70 -22.91 -0.08
CA VAL B 110 -10.61 -23.80 -0.49
C VAL B 110 -11.04 -24.97 -1.36
N SER B 111 -12.30 -25.38 -1.26
CA SER B 111 -12.79 -26.42 -2.16
C SER B 111 -13.10 -25.84 -3.55
N GLN B 112 -13.21 -24.52 -3.62
CA GLN B 112 -13.67 -23.84 -4.85
C GLN B 112 -12.56 -23.30 -5.74
N VAL B 113 -11.51 -22.76 -5.13
CA VAL B 113 -10.53 -22.00 -5.89
C VAL B 113 -9.41 -22.87 -6.43
N ASN B 114 -8.54 -22.28 -7.25
CA ASN B 114 -7.55 -23.06 -7.97
C ASN B 114 -6.12 -22.67 -7.65
N ILE B 115 -5.95 -21.80 -6.65
CA ILE B 115 -4.62 -21.45 -6.16
C ILE B 115 -4.63 -21.59 -4.65
N PRO B 116 -3.44 -21.81 -4.06
CA PRO B 116 -3.41 -22.00 -2.60
C PRO B 116 -3.75 -20.73 -1.81
N ILE B 117 -4.49 -20.95 -0.73
CA ILE B 117 -4.88 -19.92 0.21
C ILE B 117 -4.16 -20.18 1.52
N LEU B 118 -3.48 -19.16 2.04
CA LEU B 118 -2.78 -19.25 3.30
C LEU B 118 -3.52 -18.39 4.33
N ASN B 119 -4.10 -19.05 5.32
CA ASN B 119 -4.87 -18.38 6.35
C ASN B 119 -3.97 -17.60 7.30
N ALA B 120 -4.06 -16.27 7.25
CA ALA B 120 -3.31 -15.41 8.17
C ALA B 120 -4.20 -14.97 9.33
N GLY B 121 -5.39 -15.57 9.44
CA GLY B 121 -6.31 -15.26 10.52
C GLY B 121 -7.76 -15.22 10.04
N ASP B 122 -8.62 -16.02 10.66
CA ASP B 122 -10.05 -16.01 10.29
C ASP B 122 -10.94 -15.51 11.45
N GLY B 123 -12.26 -15.56 11.24
CA GLY B 123 -13.20 -15.12 12.25
C GLY B 123 -13.11 -15.89 13.55
N CYS B 124 -12.82 -17.18 13.44
CA CYS B 124 -12.68 -18.05 14.60
C CYS B 124 -11.37 -17.80 15.36
N GLY B 125 -10.40 -17.20 14.69
CA GLY B 125 -9.12 -16.91 15.33
C GLY B 125 -8.00 -17.91 15.03
N GLN B 126 -8.28 -18.93 14.21
CA GLN B 126 -7.22 -19.84 13.79
C GLN B 126 -6.11 -19.05 13.10
N HIS B 127 -4.87 -19.26 13.55
CA HIS B 127 -3.73 -18.52 13.01
C HIS B 127 -2.51 -19.46 12.88
N PRO B 128 -2.53 -20.34 11.88
CA PRO B 128 -1.56 -21.44 11.84
C PRO B 128 -0.09 -21.00 11.76
N THR B 129 0.23 -19.91 11.07
CA THR B 129 1.63 -19.53 10.97
C THR B 129 2.15 -19.00 12.31
N GLN B 130 1.25 -18.50 13.15
CA GLN B 130 1.65 -18.11 14.50
C GLN B 130 1.99 -19.38 15.30
N SER B 131 1.10 -20.37 15.25
CA SER B 131 1.37 -21.64 15.93
C SER B 131 2.66 -22.27 15.43
N LEU B 132 2.86 -22.27 14.12
CA LEU B 132 4.09 -22.83 13.55
C LEU B 132 5.35 -22.11 14.03
N LEU B 133 5.32 -20.79 14.09
CA LEU B 133 6.52 -20.08 14.49
C LEU B 133 6.79 -20.30 16.00
N ASP B 134 5.72 -20.48 16.77
CA ASP B 134 5.86 -20.81 18.20
C ASP B 134 6.53 -22.19 18.34
N LEU B 135 6.05 -23.16 17.57
CA LEU B 135 6.61 -24.50 17.63
C LEU B 135 8.06 -24.51 17.20
N MET B 136 8.37 -23.74 16.16
CA MET B 136 9.74 -23.65 15.67
C MET B 136 10.67 -23.11 16.74
N THR B 137 10.19 -22.12 17.49
CA THR B 137 10.98 -21.49 18.53
C THR B 137 11.22 -22.49 19.67
N ILE B 138 10.19 -23.22 20.04
CA ILE B 138 10.30 -24.25 21.05
C ILE B 138 11.26 -25.35 20.60
N TYR B 139 11.11 -25.80 19.37
CA TYR B 139 11.92 -26.89 18.85
C TYR B 139 13.39 -26.51 18.76
N GLU B 140 13.66 -25.24 18.42
CA GLU B 140 15.04 -24.76 18.38
C GLU B 140 15.67 -24.83 19.77
N GLU B 141 14.85 -24.65 20.79
CA GLU B 141 15.37 -24.60 22.15
C GLU B 141 15.68 -26.00 22.69
N PHE B 142 14.77 -26.94 22.46
CA PHE B 142 14.85 -28.23 23.14
C PHE B 142 15.04 -29.44 22.23
N ASN B 143 14.95 -29.23 20.92
CA ASN B 143 15.12 -30.29 19.92
C ASN B 143 14.11 -31.41 20.03
N THR B 144 12.99 -31.14 20.68
CA THR B 144 11.95 -32.15 20.82
C THR B 144 10.74 -31.42 21.38
N PHE B 145 9.57 -32.03 21.23
CA PHE B 145 8.37 -31.62 21.93
C PHE B 145 7.98 -32.65 22.98
N LYS B 146 8.54 -33.85 22.87
CA LYS B 146 8.09 -34.96 23.69
C LYS B 146 8.49 -34.79 25.16
N GLY B 147 7.50 -34.83 26.04
CA GLY B 147 7.74 -34.66 27.47
C GLY B 147 7.99 -33.24 27.93
N LEU B 148 7.84 -32.26 27.03
CA LEU B 148 7.97 -30.86 27.46
C LEU B 148 6.75 -30.46 28.28
N THR B 149 6.94 -29.56 29.25
CA THR B 149 5.81 -28.96 29.94
C THR B 149 5.66 -27.53 29.45
N VAL B 150 4.52 -27.23 28.84
CA VAL B 150 4.31 -25.90 28.29
C VAL B 150 3.12 -25.29 29.01
N SER B 151 3.31 -24.10 29.56
CA SER B 151 2.21 -23.47 30.25
C SER B 151 1.78 -22.23 29.48
N ILE B 152 0.46 -22.00 29.44
CA ILE B 152 -0.13 -20.91 28.67
C ILE B 152 -0.99 -20.08 29.60
N HIS B 153 -0.84 -18.76 29.55
CA HIS B 153 -1.35 -17.91 30.63
C HIS B 153 -2.24 -16.76 30.14
N GLY B 154 -3.43 -16.67 30.71
CA GLY B 154 -4.27 -15.51 30.51
C GLY B 154 -5.69 -15.92 30.23
N ASP B 155 -6.31 -15.25 29.26
CA ASP B 155 -7.71 -15.52 28.92
C ASP B 155 -7.76 -16.69 27.95
N ILE B 156 -7.66 -17.90 28.49
CA ILE B 156 -7.59 -19.10 27.67
C ILE B 156 -8.90 -19.32 26.91
N LYS B 157 -10.01 -19.10 27.61
CA LYS B 157 -11.35 -19.29 27.07
C LYS B 157 -11.56 -18.54 25.75
N HIS B 158 -11.09 -17.30 25.67
CA HIS B 158 -11.29 -16.48 24.48
C HIS B 158 -10.08 -16.34 23.55
N SER B 159 -9.07 -17.18 23.73
CA SER B 159 -7.91 -17.16 22.83
C SER B 159 -7.89 -18.43 21.99
N ARG B 160 -8.27 -18.34 20.73
CA ARG B 160 -8.30 -19.56 19.92
C ARG B 160 -6.90 -20.02 19.55
N VAL B 161 -5.94 -19.10 19.54
CA VAL B 161 -4.54 -19.46 19.35
C VAL B 161 -3.97 -20.26 20.55
N ALA B 162 -4.29 -19.85 21.78
CA ALA B 162 -3.92 -20.65 22.94
C ALA B 162 -4.48 -22.06 22.78
N ARG B 163 -5.75 -22.15 22.41
CA ARG B 163 -6.40 -23.44 22.32
C ARG B 163 -5.88 -24.31 21.18
N SER B 164 -5.58 -23.69 20.04
N SER B 164 -5.56 -23.71 20.04
CA SER B 164 -4.96 -24.40 18.93
CA SER B 164 -4.97 -24.46 18.95
C SER B 164 -3.57 -24.88 19.32
C SER B 164 -3.54 -24.89 19.31
N ASN B 165 -2.80 -24.02 19.97
CA ASN B 165 -1.46 -24.38 20.46
C ASN B 165 -1.50 -25.54 21.45
N ALA B 166 -2.42 -25.48 22.40
CA ALA B 166 -2.56 -26.55 23.38
C ALA B 166 -2.83 -27.87 22.66
N GLU B 167 -3.77 -27.86 21.74
CA GLU B 167 -4.13 -29.06 21.02
C GLU B 167 -2.95 -29.64 20.24
N VAL B 168 -2.25 -28.81 19.48
CA VAL B 168 -1.15 -29.32 18.67
C VAL B 168 0.05 -29.75 19.52
N LEU B 169 0.32 -29.02 20.60
CA LEU B 169 1.41 -29.39 21.52
C LEU B 169 1.14 -30.76 22.12
N THR B 170 -0.12 -31.01 22.46
CA THR B 170 -0.52 -32.30 22.98
C THR B 170 -0.35 -33.41 21.95
N ARG B 171 -0.68 -33.14 20.67
CA ARG B 171 -0.46 -34.11 19.60
C ARG B 171 1.02 -34.40 19.46
N LEU B 172 1.85 -33.39 19.71
CA LEU B 172 3.30 -33.55 19.56
C LEU B 172 4.00 -34.18 20.79
N GLY B 173 3.23 -34.51 21.83
CA GLY B 173 3.77 -35.24 22.97
C GLY B 173 4.08 -34.39 24.20
N ALA B 174 3.68 -33.13 24.18
CA ALA B 174 3.96 -32.23 25.29
C ALA B 174 2.81 -32.23 26.30
N ARG B 175 3.11 -31.74 27.49
CA ARG B 175 2.11 -31.57 28.54
C ARG B 175 1.78 -30.08 28.66
N VAL B 176 0.50 -29.77 28.66
CA VAL B 176 0.08 -28.37 28.65
C VAL B 176 -0.55 -27.94 29.96
N LEU B 177 -0.09 -26.82 30.50
CA LEU B 177 -0.70 -26.22 31.68
C LEU B 177 -1.30 -24.86 31.32
N PHE B 178 -2.34 -24.48 32.04
CA PHE B 178 -2.97 -23.18 31.93
C PHE B 178 -2.96 -22.48 33.28
N SER B 179 -2.88 -21.15 33.26
CA SER B 179 -3.13 -20.36 34.46
C SER B 179 -3.84 -19.06 34.08
N GLY B 180 -4.43 -18.41 35.07
CA GLY B 180 -5.08 -17.13 34.86
C GLY B 180 -6.34 -17.06 35.71
N PRO B 181 -7.08 -15.94 35.61
CA PRO B 181 -8.37 -15.85 36.31
C PRO B 181 -9.22 -17.09 36.04
N SER B 182 -9.77 -17.69 37.09
CA SER B 182 -10.54 -18.91 36.91
C SER B 182 -11.74 -18.72 35.99
N GLU B 183 -12.27 -17.49 35.94
CA GLU B 183 -13.42 -17.19 35.09
C GLU B 183 -13.06 -17.16 33.60
N TRP B 184 -11.77 -17.08 33.29
CA TRP B 184 -11.31 -17.05 31.90
C TRP B 184 -10.88 -18.43 31.44
N GLN B 185 -11.09 -19.43 32.28
CA GLN B 185 -10.65 -20.77 31.96
C GLN B 185 -11.73 -21.57 31.24
N ASP B 186 -11.27 -22.46 30.37
CA ASP B 186 -12.13 -23.28 29.54
C ASP B 186 -12.30 -24.65 30.19
N GLU B 187 -13.38 -24.83 30.96
CA GLU B 187 -13.62 -26.06 31.71
C GLU B 187 -13.61 -27.30 30.81
N GLU B 188 -14.18 -27.15 29.62
CA GLU B 188 -14.26 -28.25 28.66
C GLU B 188 -12.87 -28.75 28.27
N ASN B 189 -11.87 -27.88 28.36
CA ASN B 189 -10.55 -28.19 27.80
C ASN B 189 -9.93 -29.49 28.32
N THR B 190 -9.56 -30.32 27.36
CA THR B 190 -9.02 -31.64 27.63
C THR B 190 -7.54 -31.63 27.30
N PHE B 191 -7.07 -30.49 26.79
CA PHE B 191 -5.66 -30.33 26.43
C PHE B 191 -4.97 -29.39 27.38
N GLY B 192 -5.25 -29.48 28.68
CA GLY B 192 -4.53 -28.65 29.64
C GLY B 192 -4.95 -28.77 31.09
N THR B 193 -3.97 -28.65 31.98
CA THR B 193 -4.22 -28.71 33.42
C THR B 193 -4.10 -27.31 33.99
N TYR B 194 -5.16 -26.84 34.64
CA TYR B 194 -5.19 -25.51 35.26
C TYR B 194 -4.39 -25.51 36.56
N VAL B 195 -3.51 -24.53 36.72
CA VAL B 195 -2.66 -24.40 37.90
C VAL B 195 -2.44 -22.92 38.15
N SER B 196 -1.81 -22.58 39.28
CA SER B 196 -1.40 -21.20 39.53
C SER B 196 -0.14 -20.86 38.75
N MET B 197 0.00 -19.59 38.39
CA MET B 197 1.22 -19.11 37.75
C MET B 197 2.46 -19.43 38.61
N ASP B 198 2.32 -19.28 39.92
CA ASP B 198 3.42 -19.50 40.86
C ASP B 198 3.91 -20.95 40.84
N GLU B 199 3.00 -21.87 40.57
CA GLU B 199 3.35 -23.27 40.35
C GLU B 199 3.93 -23.47 38.95
N ALA B 200 3.26 -22.88 37.95
CA ALA B 200 3.65 -23.12 36.56
C ALA B 200 5.06 -22.65 36.26
N VAL B 201 5.49 -21.56 36.87
CA VAL B 201 6.80 -21.02 36.53
C VAL B 201 7.91 -21.99 36.91
N GLU B 202 7.65 -22.84 37.90
CA GLU B 202 8.70 -23.75 38.35
C GLU B 202 8.70 -25.07 37.61
N SER B 203 7.55 -25.46 37.08
CA SER B 203 7.46 -26.76 36.41
C SER B 203 7.52 -26.68 34.87
N SER B 204 7.46 -25.47 34.31
CA SER B 204 7.40 -25.31 32.84
C SER B 204 8.76 -25.27 32.15
N ASP B 205 8.85 -25.88 30.97
CA ASP B 205 10.00 -25.65 30.08
C ASP B 205 9.74 -24.39 29.23
N VAL B 206 8.46 -24.09 29.01
CA VAL B 206 8.05 -22.95 28.20
C VAL B 206 6.89 -22.24 28.88
N VAL B 207 7.07 -20.95 29.11
CA VAL B 207 6.02 -20.11 29.67
C VAL B 207 5.46 -19.20 28.55
N MET B 208 4.25 -19.50 28.07
CA MET B 208 3.65 -18.75 26.96
C MET B 208 2.62 -17.77 27.48
N LEU B 209 2.90 -16.49 27.31
CA LEU B 209 2.01 -15.45 27.79
C LEU B 209 1.08 -14.96 26.69
N LEU B 210 -0.15 -14.66 27.07
CA LEU B 210 -1.11 -14.06 26.15
C LEU B 210 -1.21 -12.55 26.47
N ARG B 211 -1.48 -11.75 25.45
CA ARG B 211 -1.79 -10.35 25.68
C ARG B 211 -3.06 -10.28 26.52
N ILE B 212 -3.04 -9.42 27.54
CA ILE B 212 -4.23 -9.19 28.34
C ILE B 212 -4.93 -7.96 27.76
N GLN B 213 -6.13 -8.17 27.21
CA GLN B 213 -6.81 -7.11 26.49
C GLN B 213 -7.47 -6.12 27.44
N ASN B 214 -6.97 -4.88 27.44
CA ASN B 214 -7.71 -3.78 28.09
C ASN B 214 -9.04 -3.70 27.35
N GLU B 215 -8.95 -4.00 26.06
CA GLU B 215 -10.10 -4.21 25.20
C GLU B 215 -11.02 -5.26 25.83
N ARG B 216 -12.02 -5.70 25.07
CA ARG B 216 -12.95 -6.72 25.57
C ARG B 216 -13.40 -6.34 26.97
N HIS B 217 -12.93 -7.11 27.95
CA HIS B 217 -13.26 -6.88 29.35
C HIS B 217 -14.74 -6.50 29.56
N GLN B 218 -15.64 -7.16 28.84
CA GLN B 218 -17.07 -7.02 29.10
C GLN B 218 -17.22 -7.17 30.61
N SER B 219 -17.06 -8.40 31.10
CA SER B 219 -16.85 -8.64 32.52
C SER B 219 -15.36 -8.48 32.82
N ALA B 220 -15.01 -7.37 33.46
CA ALA B 220 -13.61 -6.96 33.56
C ALA B 220 -12.84 -7.56 34.72
N VAL B 221 -11.64 -8.05 34.39
CA VAL B 221 -10.60 -8.30 35.37
C VAL B 221 -9.71 -7.05 35.33
N SER B 222 -9.33 -6.53 36.50
CA SER B 222 -8.54 -5.30 36.54
C SER B 222 -7.13 -5.45 35.97
N GLN B 223 -6.75 -4.53 35.10
CA GLN B 223 -5.42 -4.55 34.51
C GLN B 223 -4.36 -4.03 35.46
N GLU B 224 -4.74 -3.10 36.32
CA GLU B 224 -3.75 -2.45 37.18
C GLU B 224 -3.04 -3.41 38.16
N GLY B 225 -3.80 -4.32 38.77
CA GLY B 225 -3.18 -5.27 39.68
C GLY B 225 -2.90 -6.63 39.05
N TYR B 226 -3.07 -6.72 37.73
CA TYR B 226 -2.99 -8.00 37.06
C TYR B 226 -1.60 -8.65 37.15
N LEU B 227 -0.55 -7.86 36.94
CA LEU B 227 0.80 -8.40 36.93
C LEU B 227 1.13 -9.12 38.25
N ASN B 228 0.96 -8.41 39.35
CA ASN B 228 1.20 -8.96 40.67
C ASN B 228 0.33 -10.18 40.95
N LYS B 229 -0.95 -10.08 40.61
CA LYS B 229 -1.89 -11.12 40.96
C LYS B 229 -1.71 -12.38 40.11
N TYR B 230 -1.53 -12.21 38.80
CA TYR B 230 -1.61 -13.33 37.86
C TYR B 230 -0.43 -13.44 36.90
N GLY B 231 0.30 -12.35 36.71
CA GLY B 231 1.20 -12.23 35.58
C GLY B 231 2.62 -12.65 35.85
N LEU B 232 3.47 -12.56 34.83
CA LEU B 232 4.87 -12.92 35.01
C LEU B 232 5.65 -11.77 35.62
N THR B 233 5.75 -11.76 36.95
CA THR B 233 6.52 -10.76 37.67
C THR B 233 8.00 -11.12 37.63
N VAL B 234 8.86 -10.19 38.01
CA VAL B 234 10.29 -10.49 38.14
C VAL B 234 10.54 -11.63 39.14
N GLU B 235 9.86 -11.59 40.27
CA GLU B 235 10.04 -12.64 41.29
C GLU B 235 9.63 -14.02 40.76
N ARG B 236 8.57 -14.06 39.96
CA ARG B 236 8.13 -15.32 39.38
C ARG B 236 9.10 -15.79 38.32
N ALA B 237 9.56 -14.88 37.46
CA ALA B 237 10.49 -15.25 36.40
C ALA B 237 11.78 -15.80 37.01
N GLU B 238 12.17 -15.27 38.16
CA GLU B 238 13.40 -15.69 38.80
C GLU B 238 13.33 -17.10 39.36
N ARG B 239 12.12 -17.65 39.42
CA ARG B 239 11.94 -19.03 39.85
C ARG B 239 11.79 -20.01 38.68
N MET B 240 11.82 -19.51 37.45
CA MET B 240 11.81 -20.40 36.30
C MET B 240 13.07 -21.26 36.30
N LYS B 241 12.97 -22.45 35.72
CA LYS B 241 14.13 -23.32 35.55
C LYS B 241 15.16 -22.69 34.63
N ARG B 242 16.40 -23.16 34.73
CA ARG B 242 17.51 -22.49 34.09
C ARG B 242 17.45 -22.49 32.57
N HIS B 243 16.85 -23.52 32.00
CA HIS B 243 16.78 -23.56 30.54
CA HIS B 243 16.72 -23.75 30.57
C HIS B 243 15.37 -23.29 30.00
N ALA B 244 14.48 -22.80 30.87
CA ALA B 244 13.10 -22.49 30.43
C ALA B 244 13.04 -21.17 29.68
N ILE B 245 12.00 -21.00 28.86
CA ILE B 245 11.88 -19.78 28.05
C ILE B 245 10.52 -19.09 28.17
N ILE B 246 10.51 -17.80 27.87
CA ILE B 246 9.29 -17.01 27.88
C ILE B 246 8.92 -16.68 26.45
N MET B 247 7.64 -16.89 26.12
CA MET B 247 7.13 -16.60 24.79
C MET B 247 5.89 -15.68 24.89
N HIS B 248 5.63 -14.96 23.81
CA HIS B 248 4.49 -14.03 23.73
C HIS B 248 4.30 -13.72 22.23
N PRO B 249 3.07 -13.85 21.71
CA PRO B 249 2.88 -13.57 20.27
C PRO B 249 3.03 -12.09 19.88
N ALA B 250 2.94 -11.19 20.86
CA ALA B 250 2.94 -9.76 20.62
C ALA B 250 1.64 -9.30 19.92
N PRO B 251 1.27 -8.02 20.07
CA PRO B 251 2.01 -7.01 20.83
C PRO B 251 1.90 -7.23 22.33
N VAL B 252 2.92 -6.79 23.04
CA VAL B 252 3.00 -6.98 24.47
C VAL B 252 2.39 -5.80 25.22
N ASN B 253 1.53 -6.11 26.18
CA ASN B 253 0.99 -5.12 27.07
C ASN B 253 1.90 -5.04 28.29
N ARG B 254 2.99 -4.27 28.17
CA ARG B 254 4.01 -4.24 29.20
C ARG B 254 3.46 -3.76 30.55
N GLY B 255 3.78 -4.48 31.61
CA GLY B 255 3.32 -4.11 32.94
C GLY B 255 2.00 -4.78 33.28
N VAL B 256 1.49 -5.57 32.33
CA VAL B 256 0.25 -6.30 32.58
C VAL B 256 0.49 -7.82 32.61
N GLU B 257 0.62 -8.49 31.47
CA GLU B 257 0.89 -9.93 31.53
C GLU B 257 2.33 -10.22 31.96
N ILE B 258 3.19 -9.21 31.86
CA ILE B 258 4.61 -9.44 32.10
C ILE B 258 5.27 -8.17 32.62
N ASP B 259 6.25 -8.31 33.48
CA ASP B 259 7.03 -7.16 33.90
C ASP B 259 7.76 -6.57 32.69
N ASP B 260 7.80 -5.25 32.62
CA ASP B 260 8.43 -4.55 31.52
C ASP B 260 9.89 -4.96 31.29
N SER B 261 10.62 -5.24 32.36
CA SER B 261 12.04 -5.57 32.28
C SER B 261 12.31 -6.98 31.76
N LEU B 262 11.28 -7.79 31.63
CA LEU B 262 11.46 -9.17 31.22
C LEU B 262 11.30 -9.40 29.71
N VAL B 263 10.69 -8.47 29.00
CA VAL B 263 10.44 -8.65 27.56
C VAL B 263 11.72 -9.00 26.78
N GLU B 264 12.82 -8.34 27.11
CA GLU B 264 14.12 -8.66 26.53
C GLU B 264 15.15 -9.22 27.53
N SER B 265 14.68 -10.05 28.45
CA SER B 265 15.57 -10.67 29.40
C SER B 265 16.15 -11.95 28.79
N GLU B 266 17.09 -12.54 29.51
CA GLU B 266 17.82 -13.74 29.08
C GLU B 266 16.95 -14.92 28.64
N LYS B 267 15.86 -15.20 29.35
CA LYS B 267 14.99 -16.34 29.03
C LYS B 267 13.90 -16.00 28.00
N SER B 268 13.77 -14.73 27.66
CA SER B 268 12.77 -14.30 26.67
C SER B 268 13.15 -14.70 25.25
N ARG B 269 12.20 -15.29 24.53
CA ARG B 269 12.37 -15.57 23.10
C ARG B 269 11.33 -14.79 22.26
N ILE B 270 10.75 -13.76 22.85
CA ILE B 270 9.69 -12.98 22.20
C ILE B 270 10.13 -12.40 20.85
N PHE B 271 11.27 -11.74 20.79
CA PHE B 271 11.72 -11.22 19.49
C PHE B 271 12.30 -12.29 18.58
N LYS B 272 12.84 -13.35 19.15
CA LYS B 272 13.26 -14.48 18.34
C LYS B 272 12.06 -15.11 17.59
N GLN B 273 10.92 -15.19 18.24
CA GLN B 273 9.69 -15.67 17.59
C GLN B 273 9.43 -14.89 16.30
N MET B 274 9.60 -13.57 16.37
CA MET B 274 9.30 -12.72 15.23
C MET B 274 10.30 -12.94 14.10
N LYS B 275 11.57 -13.16 14.45
CA LYS B 275 12.58 -13.55 13.47
C LYS B 275 12.14 -14.82 12.77
N ASN B 276 11.71 -15.80 13.56
CA ASN B 276 11.33 -17.10 13.03
C ASN B 276 10.10 -17.06 12.13
N GLY B 277 9.21 -16.12 12.42
CA GLY B 277 7.98 -16.00 11.64
C GLY B 277 8.25 -15.84 10.15
N VAL B 278 9.27 -15.06 9.80
CA VAL B 278 9.58 -14.87 8.38
C VAL B 278 9.90 -16.19 7.69
N PHE B 279 10.75 -17.00 8.30
CA PHE B 279 11.19 -18.26 7.68
C PHE B 279 10.09 -19.32 7.68
N ILE B 280 9.27 -19.35 8.73
CA ILE B 280 8.08 -20.21 8.73
C ILE B 280 7.18 -19.84 7.55
N ARG B 281 7.01 -18.54 7.31
CA ARG B 281 6.12 -18.11 6.23
C ARG B 281 6.71 -18.35 4.83
N MET B 282 8.02 -18.22 4.71
CA MET B 282 8.71 -18.68 3.49
C MET B 282 8.46 -20.17 3.29
N ALA B 283 8.63 -20.96 4.34
CA ALA B 283 8.42 -22.40 4.20
C ALA B 283 6.98 -22.75 3.81
N VAL B 284 6.02 -22.03 4.37
CA VAL B 284 4.63 -22.33 4.08
C VAL B 284 4.30 -21.97 2.62
N ILE B 285 4.92 -20.89 2.14
CA ILE B 285 4.73 -20.48 0.76
C ILE B 285 5.36 -21.51 -0.18
N GLN B 286 6.55 -22.01 0.15
CA GLN B 286 7.18 -23.04 -0.69
C GLN B 286 6.35 -24.31 -0.71
N ARG B 287 5.80 -24.67 0.44
CA ARG B 287 4.87 -25.80 0.49
C ARG B 287 3.66 -25.57 -0.44
N ALA B 288 3.14 -24.34 -0.44
CA ALA B 288 1.95 -24.03 -1.23
C ALA B 288 2.21 -24.17 -2.73
N LEU B 289 3.40 -23.81 -3.16
CA LEU B 289 3.72 -23.66 -4.58
C LEU B 289 4.64 -24.74 -5.12
N GLN B 290 4.88 -25.79 -4.33
CA GLN B 290 5.79 -26.86 -4.75
C GLN B 290 5.17 -27.68 -5.89
N THR B 291 6.01 -28.05 -6.86
CA THR B 291 5.57 -28.85 -8.01
C THR B 291 6.21 -30.24 -8.00
N MET C 1 25.40 5.55 15.81
CA MET C 1 24.76 5.05 14.60
C MET C 1 24.22 6.19 13.73
N LYS C 2 24.17 5.96 12.41
CA LYS C 2 23.86 7.04 11.47
C LYS C 2 22.37 7.29 11.23
N HIS C 3 21.67 7.57 12.34
CA HIS C 3 20.33 8.12 12.29
C HIS C 3 20.41 9.47 11.64
N LEU C 4 19.24 9.98 11.25
CA LEU C 4 19.10 11.36 10.87
C LEU C 4 17.84 11.87 11.53
N THR C 5 18.00 12.67 12.58
CA THR C 5 16.88 13.15 13.36
C THR C 5 16.70 14.66 13.23
N THR C 6 17.81 15.39 13.27
CA THR C 6 17.79 16.85 13.33
C THR C 6 18.99 17.45 12.61
N MET C 7 18.80 18.62 12.01
CA MET C 7 19.90 19.30 11.32
C MET C 7 21.01 19.69 12.31
N SER C 8 20.64 19.96 13.56
CA SER C 8 21.60 20.30 14.62
C SER C 8 22.69 19.26 14.85
N GLU C 9 22.38 18.00 14.58
CA GLU C 9 23.29 16.89 14.86
C GLU C 9 24.30 16.71 13.73
N LEU C 10 24.15 17.48 12.65
CA LEU C 10 25.08 17.39 11.54
C LEU C 10 26.07 18.54 11.58
N SER C 11 27.36 18.25 11.38
CA SER C 11 28.36 19.29 11.20
C SER C 11 28.17 19.92 9.82
N THR C 12 28.66 21.15 9.64
CA THR C 12 28.56 21.80 8.34
C THR C 12 29.30 20.99 7.29
N GLU C 13 30.28 20.21 7.71
CA GLU C 13 31.04 19.39 6.76
C GLU C 13 30.24 18.16 6.33
N GLU C 14 29.45 17.61 7.24
CA GLU C 14 28.61 16.47 6.94
C GLU C 14 27.51 16.90 5.96
N ILE C 15 26.94 18.07 6.21
CA ILE C 15 25.94 18.63 5.32
C ILE C 15 26.48 18.79 3.91
N LYS C 16 27.68 19.35 3.79
CA LYS C 16 28.26 19.57 2.47
C LYS C 16 28.60 18.25 1.78
N ASP C 17 29.02 17.27 2.56
CA ASP C 17 29.27 15.93 2.02
C ASP C 17 28.00 15.27 1.49
N LEU C 18 26.93 15.35 2.28
CA LEU C 18 25.63 14.82 1.84
C LEU C 18 25.16 15.48 0.55
N LEU C 19 25.27 16.81 0.47
CA LEU C 19 24.84 17.52 -0.73
C LEU C 19 25.64 17.07 -1.94
N GLN C 20 26.93 16.86 -1.72
CA GLN C 20 27.80 16.44 -2.80
C GLN C 20 27.49 15.01 -3.25
N THR C 21 27.28 14.11 -2.30
CA THR C 21 26.87 12.76 -2.65
C THR C 21 25.57 12.80 -3.47
N ALA C 22 24.59 13.56 -2.98
CA ALA C 22 23.32 13.70 -3.69
C ALA C 22 23.54 14.22 -5.10
N GLN C 23 24.39 15.22 -5.24
CA GLN C 23 24.66 15.81 -6.55
C GLN C 23 25.26 14.76 -7.48
N GLU C 24 26.16 13.94 -6.94
CA GLU C 24 26.73 12.84 -7.72
C GLU C 24 25.68 11.80 -8.12
N LEU C 25 24.73 11.51 -7.22
CA LEU C 25 23.66 10.57 -7.52
C LEU C 25 22.73 11.14 -8.57
N LYS C 26 22.41 12.41 -8.44
CA LYS C 26 21.58 13.11 -9.40
C LYS C 26 22.22 13.04 -10.79
N SER C 27 23.55 13.04 -10.81
CA SER C 27 24.30 13.00 -12.06
C SER C 27 24.32 11.62 -12.70
N GLY C 28 23.97 10.59 -11.94
CA GLY C 28 23.82 9.25 -12.51
C GLY C 28 24.65 8.16 -11.85
N LYS C 29 25.50 8.56 -10.90
CA LYS C 29 26.28 7.59 -10.13
C LYS C 29 25.36 6.55 -9.47
N THR C 30 25.79 5.30 -9.45
CA THR C 30 24.98 4.25 -8.84
C THR C 30 25.80 3.02 -8.50
N ASP C 31 25.40 2.31 -7.45
CA ASP C 31 25.99 1.03 -7.12
C ASP C 31 24.93 0.09 -6.54
N ASN C 32 25.32 -1.16 -6.34
CA ASN C 32 24.38 -2.20 -5.89
C ASN C 32 24.66 -2.64 -4.47
N GLN C 33 25.33 -1.79 -3.70
CA GLN C 33 25.69 -2.14 -2.33
C GLN C 33 24.48 -2.39 -1.42
N LEU C 34 23.34 -1.76 -1.71
CA LEU C 34 22.19 -1.91 -0.83
C LEU C 34 21.11 -2.81 -1.42
N THR C 35 21.41 -3.41 -2.56
CA THR C 35 20.43 -4.20 -3.27
C THR C 35 19.87 -5.34 -2.40
N GLY C 36 18.55 -5.43 -2.31
CA GLY C 36 17.91 -6.48 -1.56
C GLY C 36 17.75 -6.17 -0.08
N LYS C 37 18.33 -5.07 0.39
CA LYS C 37 18.13 -4.67 1.78
C LYS C 37 16.72 -4.14 1.94
N PHE C 38 16.22 -4.09 3.17
CA PHE C 38 14.83 -3.72 3.40
C PHE C 38 14.70 -2.38 4.09
N ALA C 39 13.84 -1.53 3.55
CA ALA C 39 13.50 -0.27 4.20
C ALA C 39 12.01 -0.28 4.58
N ALA C 40 11.69 0.23 5.76
CA ALA C 40 10.30 0.40 6.18
C ALA C 40 9.95 1.87 6.28
N ASN C 41 8.89 2.26 5.59
CA ASN C 41 8.38 3.62 5.63
C ASN C 41 7.16 3.66 6.54
N LEU C 42 7.36 4.21 7.74
CA LEU C 42 6.32 4.30 8.75
C LEU C 42 5.79 5.72 8.81
N PHE C 43 4.77 5.99 8.02
CA PHE C 43 4.18 7.31 7.99
C PHE C 43 2.88 7.32 8.79
N PHE C 44 2.98 7.77 10.05
CA PHE C 44 1.84 7.87 10.93
C PHE C 44 1.05 9.17 10.72
N GLU C 45 1.58 10.05 9.89
CA GLU C 45 0.87 11.25 9.47
C GLU C 45 0.99 11.33 7.96
N PRO C 46 0.01 11.96 7.32
CA PRO C 46 -0.07 12.08 5.85
C PRO C 46 1.19 12.67 5.23
N SER C 47 1.49 12.26 4.00
CA SER C 47 2.62 12.78 3.26
C SER C 47 2.52 12.38 1.80
N THR C 48 2.92 13.29 0.91
CA THR C 48 3.00 12.94 -0.51
C THR C 48 4.44 13.03 -1.02
N ARG C 49 5.06 14.21 -0.91
CA ARG C 49 6.43 14.36 -1.33
C ARG C 49 7.38 13.43 -0.59
N THR C 50 7.42 13.57 0.73
CA THR C 50 8.46 12.91 1.50
C THR C 50 8.34 11.39 1.38
N ARG C 51 7.13 10.91 1.62
CA ARG C 51 6.87 9.47 1.57
C ARG C 51 7.24 8.84 0.22
N PHE C 52 6.77 9.42 -0.87
CA PHE C 52 7.02 8.83 -2.19
C PHE C 52 8.42 9.12 -2.69
N SER C 53 8.97 10.26 -2.29
CA SER C 53 10.36 10.58 -2.55
C SER C 53 11.27 9.51 -1.91
N PHE C 54 10.98 9.13 -0.67
CA PHE C 54 11.77 8.11 0.01
C PHE C 54 11.61 6.77 -0.70
N GLU C 55 10.39 6.45 -1.10
CA GLU C 55 10.14 5.18 -1.75
C GLU C 55 10.91 5.07 -3.07
N VAL C 56 10.88 6.13 -3.87
CA VAL C 56 11.70 6.15 -5.09
C VAL C 56 13.17 5.99 -4.77
N ALA C 57 13.65 6.77 -3.78
CA ALA C 57 15.05 6.67 -3.37
C ALA C 57 15.40 5.24 -2.99
N GLU C 58 14.59 4.64 -2.13
CA GLU C 58 14.83 3.26 -1.71
C GLU C 58 14.91 2.32 -2.91
N LYS C 59 13.95 2.47 -3.82
CA LYS C 59 13.86 1.57 -4.97
C LYS C 59 15.00 1.81 -5.95
N LYS C 60 15.40 3.07 -6.10
CA LYS C 60 16.57 3.37 -6.93
C LYS C 60 17.83 2.77 -6.33
N LEU C 61 17.84 2.55 -5.01
CA LEU C 61 19.00 1.92 -4.39
C LEU C 61 18.93 0.39 -4.45
N GLY C 62 17.87 -0.12 -5.05
CA GLY C 62 17.69 -1.56 -5.18
C GLY C 62 17.08 -2.22 -3.94
N MET C 63 16.47 -1.43 -3.06
CA MET C 63 15.97 -1.98 -1.80
C MET C 63 14.55 -2.50 -1.90
N ASN C 64 14.22 -3.48 -1.06
CA ASN C 64 12.83 -3.89 -0.85
C ASN C 64 12.17 -2.92 0.11
N VAL C 65 10.89 -2.66 -0.10
CA VAL C 65 10.22 -1.62 0.66
C VAL C 65 8.94 -2.14 1.34
N LEU C 66 8.82 -1.86 2.63
CA LEU C 66 7.60 -2.14 3.37
C LEU C 66 6.96 -0.80 3.68
N ASN C 67 5.71 -0.64 3.30
CA ASN C 67 5.00 0.59 3.59
C ASN C 67 3.93 0.39 4.66
N LEU C 68 3.99 1.21 5.70
CA LEU C 68 2.91 1.27 6.70
C LEU C 68 2.23 2.62 6.57
N ASP C 69 1.12 2.65 5.84
CA ASP C 69 0.42 3.90 5.55
C ASP C 69 -0.69 4.21 6.56
N GLY C 70 -0.53 5.34 7.24
CA GLY C 70 -1.52 5.84 8.18
C GLY C 70 -1.32 5.32 9.60
N THR C 71 -1.92 6.03 10.56
CA THR C 71 -2.11 5.51 11.90
C THR C 71 -3.31 4.55 11.85
N SER C 72 -3.57 4.03 10.65
CA SER C 72 -4.55 2.98 10.46
C SER C 72 -4.27 1.89 11.49
N THR C 73 -5.31 1.20 11.93
CA THR C 73 -5.19 0.26 13.04
C THR C 73 -4.34 -0.96 12.70
N SER C 74 -3.22 -0.72 12.01
CA SER C 74 -2.21 -1.74 11.77
C SER C 74 -1.52 -2.06 13.10
N VAL C 75 -0.72 -1.12 13.60
CA VAL C 75 0.01 -1.32 14.84
C VAL C 75 -0.60 -0.51 15.99
N GLN C 76 -1.92 -0.29 15.90
CA GLN C 76 -2.66 0.59 16.81
C GLN C 76 -3.07 -0.10 18.13
N LYS C 77 -2.51 -1.27 18.41
CA LYS C 77 -2.89 -2.03 19.60
C LYS C 77 -2.16 -1.62 20.87
N GLY C 78 -1.73 -0.35 20.93
CA GLY C 78 -1.05 0.18 22.11
C GLY C 78 0.42 -0.16 22.19
N GLU C 79 0.95 -0.78 21.13
CA GLU C 79 2.36 -1.16 21.09
C GLU C 79 3.25 0.09 21.14
N THR C 80 4.26 0.09 22.02
CA THR C 80 5.23 1.17 22.04
C THR C 80 5.94 1.26 20.69
N LEU C 81 6.39 2.46 20.34
CA LEU C 81 7.10 2.67 19.09
C LEU C 81 8.40 1.88 19.10
N TYR C 82 9.01 1.79 20.28
CA TYR C 82 10.22 0.97 20.44
C TYR C 82 9.97 -0.49 20.03
N ASP C 83 8.86 -1.07 20.49
CA ASP C 83 8.53 -2.45 20.17
C ASP C 83 8.25 -2.60 18.67
N THR C 84 7.65 -1.59 18.08
CA THR C 84 7.38 -1.58 16.64
C THR C 84 8.68 -1.68 15.85
N ILE C 85 9.65 -0.85 16.23
CA ILE C 85 10.95 -0.87 15.57
C ILE C 85 11.69 -2.18 15.80
N ARG C 86 11.70 -2.68 17.04
CA ARG C 86 12.36 -3.95 17.34
C ARG C 86 11.73 -5.08 16.56
N THR C 87 10.41 -5.00 16.40
CA THR C 87 9.68 -5.95 15.56
C THR C 87 10.22 -5.90 14.11
N LEU C 88 10.33 -4.71 13.57
CA LEU C 88 10.84 -4.54 12.20
C LEU C 88 12.27 -5.07 12.06
N GLU C 89 13.13 -4.78 13.05
CA GLU C 89 14.47 -5.36 13.08
C GLU C 89 14.42 -6.88 13.01
N SER C 90 13.58 -7.48 13.84
CA SER C 90 13.45 -8.94 13.87
C SER C 90 13.03 -9.55 12.54
N ILE C 91 12.16 -8.87 11.80
CA ILE C 91 11.75 -9.43 10.52
C ILE C 91 12.73 -9.10 9.38
N GLY C 92 13.77 -8.31 9.67
CA GLY C 92 14.83 -8.09 8.70
C GLY C 92 14.93 -6.69 8.09
N VAL C 93 14.24 -5.72 8.68
CA VAL C 93 14.33 -4.34 8.22
C VAL C 93 15.68 -3.73 8.59
N ASP C 94 16.32 -3.09 7.61
CA ASP C 94 17.66 -2.53 7.80
C ASP C 94 17.64 -1.04 8.13
N VAL C 95 16.55 -0.37 7.75
CA VAL C 95 16.43 1.06 8.03
C VAL C 95 14.96 1.46 8.10
N CYS C 96 14.62 2.37 9.01
N CYS C 96 14.62 2.39 8.98
CA CYS C 96 13.26 2.86 9.16
CA CYS C 96 13.25 2.81 9.14
C CYS C 96 13.15 4.33 8.86
C CYS C 96 13.09 4.32 8.93
N VAL C 97 12.14 4.70 8.08
CA VAL C 97 11.83 6.09 7.82
C VAL C 97 10.52 6.39 8.53
N ILE C 98 10.51 7.44 9.36
CA ILE C 98 9.36 7.66 10.24
C ILE C 98 8.87 9.09 10.23
N ARG C 99 7.59 9.27 9.95
CA ARG C 99 6.92 10.53 10.21
C ARG C 99 5.93 10.29 11.34
N HIS C 100 6.08 11.04 12.42
CA HIS C 100 5.25 10.84 13.60
C HIS C 100 4.62 12.15 14.04
N SER C 101 3.57 12.07 14.85
CA SER C 101 2.87 13.27 15.32
C SER C 101 3.60 13.93 16.49
N GLU C 102 4.33 13.14 17.26
CA GLU C 102 4.95 13.65 18.48
C GLU C 102 6.29 14.34 18.21
N ASP C 103 6.42 15.57 18.70
CA ASP C 103 7.70 16.30 18.62
C ASP C 103 8.78 15.56 19.40
N GLU C 104 9.90 15.32 18.72
CA GLU C 104 11.07 14.67 19.34
C GLU C 104 10.79 13.23 19.80
N TYR C 105 9.90 12.54 19.09
CA TYR C 105 9.62 11.13 19.35
C TYR C 105 10.93 10.36 19.30
N TYR C 106 11.87 10.84 18.48
CA TYR C 106 13.11 10.13 18.20
C TYR C 106 14.14 10.11 19.34
N GLU C 107 14.06 11.08 20.25
CA GLU C 107 15.11 11.24 21.28
C GLU C 107 15.40 9.98 22.10
N GLU C 108 14.38 9.48 22.80
CA GLU C 108 14.50 8.25 23.56
C GLU C 108 14.80 7.08 22.61
N LEU C 109 14.04 7.02 21.53
CA LEU C 109 14.12 5.94 20.55
C LEU C 109 15.52 5.65 20.00
N VAL C 110 16.22 6.69 19.55
CA VAL C 110 17.46 6.49 18.80
C VAL C 110 18.60 5.88 19.59
N SER C 111 18.63 6.11 20.89
CA SER C 111 19.66 5.48 21.72
C SER C 111 19.30 4.03 22.05
N GLN C 112 18.04 3.66 21.81
CA GLN C 112 17.55 2.35 22.23
C GLN C 112 17.55 1.30 21.11
N VAL C 113 17.32 1.73 19.86
CA VAL C 113 17.16 0.79 18.76
C VAL C 113 18.47 0.42 18.09
N ASN C 114 18.43 -0.59 17.21
CA ASN C 114 19.62 -1.15 16.60
C ASN C 114 19.76 -0.98 15.10
N ILE C 115 18.83 -0.23 14.50
CA ILE C 115 18.91 0.11 13.07
C ILE C 115 18.71 1.61 12.95
N PRO C 116 19.23 2.21 11.87
CA PRO C 116 19.10 3.66 11.74
C PRO C 116 17.67 4.13 11.50
N ILE C 117 17.34 5.25 12.14
CA ILE C 117 16.02 5.88 12.03
C ILE C 117 16.20 7.17 11.29
N LEU C 118 15.45 7.33 10.21
CA LEU C 118 15.47 8.56 9.44
C LEU C 118 14.18 9.33 9.67
N ASN C 119 14.32 10.52 10.26
CA ASN C 119 13.18 11.37 10.58
C ASN C 119 12.58 12.05 9.35
N ALA C 120 11.34 11.69 9.02
CA ALA C 120 10.64 12.27 7.87
C ALA C 120 9.66 13.35 8.33
N GLY C 121 9.81 13.80 9.56
CA GLY C 121 8.97 14.85 10.12
C GLY C 121 8.47 14.45 11.50
N ASP C 122 8.81 15.25 12.52
CA ASP C 122 8.35 14.96 13.88
C ASP C 122 7.56 16.14 14.43
N GLY C 123 6.24 16.08 14.27
CA GLY C 123 5.38 17.20 14.62
C GLY C 123 5.83 18.47 13.93
N CYS C 124 5.86 19.58 14.69
CA CYS C 124 6.33 20.85 14.18
C CYS C 124 7.81 21.07 14.53
N GLY C 125 8.52 19.97 14.82
CA GLY C 125 9.91 20.04 15.23
C GLY C 125 10.88 20.14 14.05
N GLN C 126 11.28 18.98 13.53
CA GLN C 126 12.32 18.93 12.51
C GLN C 126 11.85 18.17 11.27
N HIS C 127 12.49 18.47 10.15
CA HIS C 127 12.26 17.80 8.89
C HIS C 127 13.56 17.87 8.12
N PRO C 128 14.56 17.10 8.55
CA PRO C 128 15.94 17.22 8.07
C PRO C 128 16.15 16.96 6.57
N THR C 129 15.44 16.00 5.98
CA THR C 129 15.62 15.79 4.54
C THR C 129 15.03 16.94 3.73
N GLN C 130 14.02 17.62 4.26
CA GLN C 130 13.53 18.82 3.62
C GLN C 130 14.60 19.93 3.64
N SER C 131 15.23 20.15 4.80
CA SER C 131 16.29 21.15 4.88
C SER C 131 17.41 20.83 3.93
N LEU C 132 17.83 19.57 3.92
CA LEU C 132 18.92 19.14 3.06
C LEU C 132 18.61 19.36 1.60
N LEU C 133 17.38 19.05 1.17
CA LEU C 133 17.04 19.24 -0.22
C LEU C 133 16.93 20.75 -0.53
N ASP C 134 16.43 21.51 0.43
CA ASP C 134 16.39 22.96 0.29
C ASP C 134 17.81 23.53 0.11
N LEU C 135 18.71 23.11 0.98
CA LEU C 135 20.11 23.54 0.93
C LEU C 135 20.77 23.16 -0.39
N MET C 136 20.52 21.93 -0.83
CA MET C 136 21.04 21.46 -2.10
C MET C 136 20.57 22.33 -3.26
N THR C 137 19.31 22.73 -3.21
CA THR C 137 18.75 23.57 -4.27
C THR C 137 19.40 24.96 -4.26
N ILE C 138 19.55 25.52 -3.07
CA ILE C 138 20.20 26.82 -2.90
C ILE C 138 21.65 26.76 -3.35
N TYR C 139 22.37 25.73 -2.93
CA TYR C 139 23.77 25.57 -3.32
C TYR C 139 23.96 25.41 -4.84
N GLU C 140 23.03 24.71 -5.50
CA GLU C 140 23.11 24.53 -6.94
C GLU C 140 22.96 25.87 -7.65
N GLU C 141 22.15 26.75 -7.06
CA GLU C 141 21.87 28.03 -7.66
C GLU C 141 23.03 29.02 -7.51
N PHE C 142 23.63 29.06 -6.32
CA PHE C 142 24.59 30.11 -5.98
C PHE C 142 26.01 29.64 -5.78
N ASN C 143 26.18 28.34 -5.57
CA ASN C 143 27.49 27.72 -5.33
C ASN C 143 28.15 28.18 -4.04
N THR C 144 27.35 28.75 -3.16
CA THR C 144 27.82 29.15 -1.83
C THR C 144 26.60 29.44 -0.96
N PHE C 145 26.79 29.37 0.35
CA PHE C 145 25.79 29.85 1.31
C PHE C 145 26.23 31.18 1.95
N LYS C 146 27.53 31.45 1.87
CA LYS C 146 28.10 32.62 2.53
C LYS C 146 27.63 33.92 1.90
N GLY C 147 27.08 34.79 2.73
CA GLY C 147 26.62 36.10 2.28
C GLY C 147 25.25 36.11 1.62
N LEU C 148 24.59 34.95 1.56
CA LEU C 148 23.24 34.91 0.99
C LEU C 148 22.25 35.46 1.99
N THR C 149 21.18 36.06 1.49
CA THR C 149 20.06 36.43 2.33
C THR C 149 18.89 35.54 1.95
N VAL C 150 18.38 34.79 2.92
CA VAL C 150 17.27 33.89 2.70
C VAL C 150 16.10 34.33 3.56
N SER C 151 14.96 34.62 2.95
CA SER C 151 13.78 34.97 3.73
C SER C 151 12.76 33.83 3.70
N ILE C 152 12.08 33.64 4.82
CA ILE C 152 11.16 32.54 5.02
C ILE C 152 9.85 33.12 5.52
N HIS C 153 8.74 32.72 4.91
CA HIS C 153 7.49 33.46 5.11
C HIS C 153 6.30 32.57 5.48
N GLY C 154 5.56 33.01 6.49
CA GLY C 154 4.33 32.34 6.87
C GLY C 154 4.26 32.12 8.37
N ASP C 155 3.77 30.95 8.76
CA ASP C 155 3.66 30.61 10.18
C ASP C 155 4.98 30.07 10.69
N ILE C 156 5.94 30.95 10.93
CA ILE C 156 7.26 30.56 11.37
C ILE C 156 7.22 29.75 12.66
N LYS C 157 6.39 30.19 13.61
CA LYS C 157 6.29 29.57 14.92
C LYS C 157 6.00 28.06 14.87
N HIS C 158 5.10 27.66 13.97
CA HIS C 158 4.65 26.28 13.93
C HIS C 158 5.19 25.49 12.75
N SER C 159 6.33 25.90 12.21
CA SER C 159 6.86 25.26 11.02
C SER C 159 8.10 24.41 11.32
N ARG C 160 8.04 23.13 10.96
CA ARG C 160 9.21 22.24 11.06
C ARG C 160 10.24 22.58 9.99
N VAL C 161 9.77 23.14 8.88
CA VAL C 161 10.67 23.51 7.80
C VAL C 161 11.46 24.78 8.16
N ALA C 162 10.77 25.79 8.67
CA ALA C 162 11.39 27.06 9.00
C ALA C 162 12.41 26.87 10.11
N ARG C 163 12.12 25.95 11.02
CA ARG C 163 12.98 25.61 12.17
C ARG C 163 14.25 24.87 11.75
N SER C 164 14.10 23.75 11.05
CA SER C 164 15.25 23.09 10.46
C SER C 164 16.14 24.11 9.72
N ASN C 165 15.51 25.02 8.96
CA ASN C 165 16.23 25.86 7.99
C ASN C 165 16.92 27.11 8.54
N ALA C 166 16.21 27.90 9.34
CA ALA C 166 16.76 29.17 9.82
C ALA C 166 18.12 28.98 10.50
N GLU C 167 18.18 28.12 11.51
CA GLU C 167 19.42 27.92 12.22
C GLU C 167 20.55 27.38 11.34
N VAL C 168 20.27 26.34 10.56
CA VAL C 168 21.34 25.77 9.75
C VAL C 168 21.86 26.75 8.71
N LEU C 169 20.98 27.59 8.17
CA LEU C 169 21.39 28.58 7.17
C LEU C 169 22.39 29.58 7.76
N THR C 170 22.14 30.02 9.00
CA THR C 170 23.06 30.93 9.66
C THR C 170 24.39 30.25 9.99
N ARG C 171 24.34 28.99 10.40
CA ARG C 171 25.58 28.23 10.63
C ARG C 171 26.41 28.14 9.35
N LEU C 172 25.75 28.15 8.20
CA LEU C 172 26.45 28.05 6.92
C LEU C 172 26.89 29.41 6.38
N GLY C 173 26.50 30.49 7.06
CA GLY C 173 26.99 31.82 6.71
C GLY C 173 25.97 32.72 6.06
N ALA C 174 24.71 32.27 6.00
CA ALA C 174 23.67 33.08 5.40
C ALA C 174 22.95 33.94 6.45
N ARG C 175 22.29 35.00 5.97
CA ARG C 175 21.44 35.83 6.81
C ARG C 175 20.00 35.42 6.56
N VAL C 176 19.20 35.38 7.61
CA VAL C 176 17.83 34.90 7.49
C VAL C 176 16.82 35.98 7.88
N LEU C 177 15.79 36.14 7.05
CA LEU C 177 14.70 37.06 7.35
C LEU C 177 13.38 36.28 7.48
N PHE C 178 12.43 36.80 8.24
CA PHE C 178 11.12 36.21 8.38
C PHE C 178 10.07 37.26 8.05
N SER C 179 8.95 36.83 7.50
CA SER C 179 7.79 37.70 7.39
C SER C 179 6.52 36.90 7.54
N GLY C 180 5.42 37.56 7.85
CA GLY C 180 4.14 36.91 7.98
C GLY C 180 3.37 37.60 9.08
N PRO C 181 2.14 37.13 9.36
CA PRO C 181 1.39 37.72 10.46
C PRO C 181 2.23 37.75 11.74
N SER C 182 2.28 38.89 12.42
CA SER C 182 3.14 39.01 13.59
C SER C 182 2.77 37.99 14.66
N GLU C 183 1.51 37.56 14.64
CA GLU C 183 1.03 36.59 15.63
C GLU C 183 1.66 35.21 15.44
N TRP C 184 2.23 34.95 14.26
CA TRP C 184 2.83 33.66 13.95
C TRP C 184 4.34 33.65 14.08
N GLN C 185 4.90 34.72 14.66
CA GLN C 185 6.35 34.83 14.76
C GLN C 185 6.84 34.40 16.13
N ASP C 186 8.04 33.83 16.18
CA ASP C 186 8.71 33.56 17.45
C ASP C 186 9.02 34.87 18.14
N GLU C 187 8.43 35.07 19.32
CA GLU C 187 8.73 36.27 20.10
C GLU C 187 10.24 36.49 20.19
N GLU C 188 10.98 35.40 20.30
CA GLU C 188 12.43 35.49 20.51
C GLU C 188 13.21 34.47 19.68
N ASN C 189 13.20 34.63 18.36
CA ASN C 189 14.06 33.82 17.51
C ASN C 189 15.41 34.50 17.34
N THR C 190 16.48 33.78 17.58
CA THR C 190 17.81 34.36 17.52
C THR C 190 18.45 34.18 16.15
N PHE C 191 17.74 33.53 15.23
CA PHE C 191 18.33 33.20 13.93
C PHE C 191 17.85 34.04 12.76
N GLY C 192 16.74 34.76 12.95
CA GLY C 192 16.20 35.55 11.85
C GLY C 192 15.70 36.92 12.23
N THR C 193 15.62 37.80 11.24
CA THR C 193 15.14 39.16 11.44
C THR C 193 13.77 39.31 10.80
N TYR C 194 12.79 39.69 11.60
CA TYR C 194 11.43 39.88 11.13
C TYR C 194 11.29 41.18 10.33
N VAL C 195 10.74 41.07 9.13
CA VAL C 195 10.50 42.23 8.27
C VAL C 195 9.18 42.05 7.52
N SER C 196 8.82 43.02 6.68
CA SER C 196 7.65 42.87 5.84
C SER C 196 8.03 42.14 4.57
N MET C 197 7.08 41.42 3.98
CA MET C 197 7.30 40.76 2.70
C MET C 197 7.81 41.78 1.67
N ASP C 198 7.24 42.98 1.70
CA ASP C 198 7.57 44.01 0.71
C ASP C 198 9.05 44.41 0.79
N GLU C 199 9.61 44.38 1.99
CA GLU C 199 11.03 44.61 2.15
C GLU C 199 11.85 43.37 1.76
N ALA C 200 11.41 42.21 2.22
CA ALA C 200 12.17 40.98 1.99
C ALA C 200 12.38 40.65 0.52
N VAL C 201 11.39 40.91 -0.32
CA VAL C 201 11.51 40.50 -1.73
C VAL C 201 12.64 41.22 -2.44
N GLU C 202 12.96 42.41 -1.97
CA GLU C 202 13.99 43.22 -2.62
C GLU C 202 15.38 42.89 -2.09
N SER C 203 15.45 42.41 -0.86
CA SER C 203 16.73 42.13 -0.26
C SER C 203 17.15 40.65 -0.28
N SER C 204 16.24 39.76 -0.65
CA SER C 204 16.52 38.32 -0.58
C SER C 204 17.17 37.75 -1.83
N ASP C 205 18.08 36.80 -1.63
CA ASP C 205 18.54 35.95 -2.73
C ASP C 205 17.62 34.72 -2.87
N VAL C 206 16.93 34.39 -1.78
CA VAL C 206 16.01 33.25 -1.79
C VAL C 206 14.73 33.65 -1.07
N VAL C 207 13.60 33.52 -1.75
CA VAL C 207 12.32 33.75 -1.11
C VAL C 207 11.65 32.40 -0.86
N MET C 208 11.58 31.99 0.41
CA MET C 208 11.04 30.68 0.73
C MET C 208 9.67 30.78 1.37
N LEU C 209 8.65 30.30 0.67
CA LEU C 209 7.29 30.37 1.15
C LEU C 209 6.90 29.08 1.90
N LEU C 210 6.07 29.21 2.91
CA LEU C 210 5.53 28.04 3.59
C LEU C 210 4.08 27.87 3.18
N ARG C 211 3.55 26.67 3.36
CA ARG C 211 2.13 26.44 3.09
C ARG C 211 1.30 27.14 4.16
N ILE C 212 0.29 27.89 3.76
CA ILE C 212 -0.63 28.47 4.73
C ILE C 212 -1.81 27.54 4.91
N GLN C 213 -1.99 27.05 6.12
CA GLN C 213 -3.03 26.07 6.42
C GLN C 213 -4.47 26.63 6.40
N ASN C 214 -5.30 26.08 5.52
CA ASN C 214 -6.75 26.27 5.63
C ASN C 214 -7.27 25.25 6.62
N GLU C 215 -6.53 24.14 6.70
CA GLU C 215 -6.58 23.27 7.86
C GLU C 215 -6.16 24.16 9.03
N ARG C 216 -6.76 23.98 10.19
CA ARG C 216 -6.43 24.80 11.34
C ARG C 216 -7.05 26.20 11.23
N HIS C 217 -6.22 27.21 10.96
CA HIS C 217 -6.65 28.61 11.06
C HIS C 217 -6.88 29.40 9.75
N GLN C 218 -8.15 29.57 9.40
CA GLN C 218 -8.58 30.66 8.52
C GLN C 218 -9.30 31.67 9.42
N SER C 219 -9.28 31.38 10.72
CA SER C 219 -9.91 32.22 11.73
C SER C 219 -8.90 33.15 12.42
N ALA C 220 -7.75 32.59 12.80
CA ALA C 220 -6.64 33.40 13.29
C ALA C 220 -6.21 34.38 12.20
N VAL C 221 -6.10 33.87 10.97
CA VAL C 221 -5.74 34.68 9.81
C VAL C 221 -6.49 34.19 8.56
N SER C 222 -7.26 35.08 7.94
CA SER C 222 -8.11 34.71 6.80
C SER C 222 -7.32 34.45 5.51
N GLN C 223 -7.68 33.39 4.81
CA GLN C 223 -6.93 32.97 3.63
C GLN C 223 -7.28 33.77 2.38
N GLU C 224 -8.52 34.27 2.32
CA GLU C 224 -9.01 34.94 1.13
C GLU C 224 -8.16 36.16 0.72
N GLY C 225 -7.74 36.95 1.70
CA GLY C 225 -6.95 38.13 1.43
C GLY C 225 -5.48 37.99 1.79
N TYR C 226 -5.07 36.77 2.12
CA TYR C 226 -3.70 36.52 2.56
C TYR C 226 -2.67 36.88 1.51
N LEU C 227 -2.92 36.49 0.26
CA LEU C 227 -1.96 36.72 -0.80
C LEU C 227 -1.61 38.20 -0.96
N ASN C 228 -2.64 39.04 -1.07
CA ASN C 228 -2.45 40.47 -1.20
C ASN C 228 -1.74 41.03 0.03
N LYS C 229 -2.20 40.62 1.20
CA LYS C 229 -1.73 41.15 2.47
C LYS C 229 -0.31 40.72 2.83
N TYR C 230 -0.02 39.43 2.69
CA TYR C 230 1.24 38.87 3.20
C TYR C 230 2.02 38.10 2.16
N GLY C 231 1.35 37.70 1.09
CA GLY C 231 1.89 36.68 0.20
C GLY C 231 2.75 37.17 -0.93
N LEU C 232 3.29 36.22 -1.69
CA LEU C 232 4.09 36.56 -2.85
C LEU C 232 3.20 36.86 -4.05
N THR C 233 2.76 38.11 -4.15
CA THR C 233 1.98 38.58 -5.29
C THR C 233 2.89 38.74 -6.50
N VAL C 234 2.28 38.87 -7.68
CA VAL C 234 3.03 39.10 -8.90
C VAL C 234 3.84 40.41 -8.79
N GLU C 235 3.21 41.44 -8.25
CA GLU C 235 3.86 42.73 -8.08
C GLU C 235 5.08 42.60 -7.17
N ARG C 236 4.94 41.87 -6.07
CA ARG C 236 6.09 41.64 -5.19
C ARG C 236 7.17 40.82 -5.88
N ALA C 237 6.76 39.82 -6.64
CA ALA C 237 7.75 38.97 -7.32
C ALA C 237 8.53 39.74 -8.37
N GLU C 238 7.88 40.69 -9.03
CA GLU C 238 8.53 41.53 -10.01
C GLU C 238 9.62 42.40 -9.39
N ARG C 239 9.54 42.62 -8.09
CA ARG C 239 10.58 43.38 -7.38
C ARG C 239 11.72 42.53 -6.81
N MET C 240 11.74 41.24 -7.08
CA MET C 240 12.80 40.37 -6.59
C MET C 240 14.09 40.64 -7.35
N LYS C 241 15.23 40.34 -6.73
CA LYS C 241 16.52 40.47 -7.41
C LYS C 241 16.58 39.60 -8.66
N ARG C 242 17.35 40.02 -9.64
CA ARG C 242 17.45 39.33 -10.92
C ARG C 242 17.81 37.85 -10.77
N HIS C 243 18.67 37.55 -9.81
CA HIS C 243 19.21 36.20 -9.64
C HIS C 243 18.52 35.44 -8.49
N ALA C 244 17.49 36.03 -7.90
CA ALA C 244 16.86 35.41 -6.73
C ALA C 244 15.94 34.25 -7.13
N ILE C 245 15.69 33.33 -6.21
CA ILE C 245 14.79 32.20 -6.49
C ILE C 245 13.64 32.11 -5.51
N ILE C 246 12.55 31.52 -5.97
CA ILE C 246 11.40 31.24 -5.14
C ILE C 246 11.38 29.75 -4.77
N MET C 247 11.27 29.47 -3.48
CA MET C 247 11.19 28.11 -2.99
C MET C 247 9.94 27.89 -2.14
N HIS C 248 9.56 26.64 -1.95
CA HIS C 248 8.33 26.26 -1.24
C HIS C 248 8.39 24.75 -1.01
N PRO C 249 8.19 24.30 0.23
CA PRO C 249 8.37 22.85 0.40
C PRO C 249 7.22 22.00 -0.19
N ALA C 250 6.10 22.64 -0.50
CA ALA C 250 4.91 21.99 -1.05
C ALA C 250 4.25 21.12 0.03
N PRO C 251 2.96 20.76 -0.16
CA PRO C 251 2.10 21.17 -1.28
C PRO C 251 1.81 22.67 -1.26
N VAL C 252 1.68 23.26 -2.44
CA VAL C 252 1.42 24.69 -2.57
C VAL C 252 -0.07 24.97 -2.48
N ASN C 253 -0.44 25.95 -1.66
CA ASN C 253 -1.80 26.44 -1.62
C ASN C 253 -1.93 27.62 -2.60
N ARG C 254 -2.09 27.31 -3.88
CA ARG C 254 -2.16 28.32 -4.93
C ARG C 254 -3.17 29.45 -4.63
N GLY C 255 -2.74 30.69 -4.82
CA GLY C 255 -3.58 31.83 -4.55
C GLY C 255 -3.62 32.24 -3.09
N VAL C 256 -2.85 31.56 -2.25
CA VAL C 256 -2.82 31.94 -0.85
C VAL C 256 -1.44 32.48 -0.48
N GLU C 257 -0.45 31.61 -0.29
CA GLU C 257 0.89 32.10 0.01
C GLU C 257 1.59 32.66 -1.23
N ILE C 258 1.11 32.28 -2.41
CA ILE C 258 1.78 32.64 -3.65
C ILE C 258 0.75 32.80 -4.75
N ASP C 259 1.01 33.68 -5.72
CA ASP C 259 0.10 33.84 -6.86
C ASP C 259 0.19 32.59 -7.72
N ASP C 260 -0.95 32.14 -8.22
CA ASP C 260 -1.00 30.91 -9.01
C ASP C 260 0.02 30.89 -10.16
N SER C 261 0.23 32.05 -10.78
CA SER C 261 1.10 32.16 -11.97
C SER C 261 2.59 32.03 -11.67
N LEU C 262 2.96 32.11 -10.39
CA LEU C 262 4.38 32.14 -10.03
C LEU C 262 4.98 30.75 -9.75
N VAL C 263 4.11 29.76 -9.53
CA VAL C 263 4.59 28.45 -9.08
C VAL C 263 5.58 27.86 -10.06
N GLU C 264 5.32 28.05 -11.36
CA GLU C 264 6.24 27.60 -12.39
C GLU C 264 6.80 28.74 -13.25
N SER C 265 7.01 29.89 -12.62
CA SER C 265 7.63 31.02 -13.31
C SER C 265 9.14 30.82 -13.33
N GLU C 266 9.84 31.73 -14.00
CA GLU C 266 11.26 31.60 -14.27
C GLU C 266 12.17 31.52 -13.02
N LYS C 267 11.79 32.20 -11.95
CA LYS C 267 12.61 32.20 -10.75
C LYS C 267 12.25 31.06 -9.79
N SER C 268 11.16 30.35 -10.08
CA SER C 268 10.70 29.28 -9.20
C SER C 268 11.59 28.05 -9.25
N ARG C 269 11.93 27.52 -8.08
CA ARG C 269 12.68 26.27 -8.02
C ARG C 269 11.87 25.20 -7.27
N ILE C 270 10.57 25.42 -7.19
CA ILE C 270 9.68 24.58 -6.39
C ILE C 270 9.70 23.12 -6.85
N PHE C 271 9.59 22.89 -8.15
CA PHE C 271 9.64 21.53 -8.67
C PHE C 271 11.06 20.97 -8.73
N LYS C 272 12.05 21.86 -8.82
CA LYS C 272 13.43 21.39 -8.73
C LYS C 272 13.72 20.85 -7.33
N GLN C 273 13.17 21.48 -6.31
CA GLN C 273 13.32 20.97 -4.95
C GLN C 273 12.89 19.50 -4.87
N MET C 274 11.74 19.21 -5.45
CA MET C 274 11.17 17.87 -5.43
C MET C 274 12.06 16.88 -6.18
N LYS C 275 12.64 17.32 -7.29
CA LYS C 275 13.62 16.48 -7.98
C LYS C 275 14.76 16.15 -7.05
N ASN C 276 15.28 17.18 -6.38
CA ASN C 276 16.46 17.02 -5.52
C ASN C 276 16.19 16.14 -4.29
N GLY C 277 14.95 16.14 -3.82
CA GLY C 277 14.60 15.39 -2.62
C GLY C 277 14.94 13.92 -2.75
N VAL C 278 14.76 13.36 -3.94
CA VAL C 278 15.04 11.94 -4.13
C VAL C 278 16.51 11.63 -3.93
N PHE C 279 17.39 12.47 -4.48
CA PHE C 279 18.81 12.20 -4.40
C PHE C 279 19.38 12.49 -2.99
N ILE C 280 18.83 13.50 -2.33
CA ILE C 280 19.14 13.74 -0.92
C ILE C 280 18.79 12.51 -0.10
N ARG C 281 17.61 11.97 -0.34
CA ARG C 281 17.15 10.82 0.45
C ARG C 281 17.95 9.55 0.16
N MET C 282 18.35 9.35 -1.10
CA MET C 282 19.32 8.30 -1.42
C MET C 282 20.63 8.49 -0.64
N ALA C 283 21.15 9.73 -0.63
CA ALA C 283 22.41 10.01 0.07
C ALA C 283 22.28 9.74 1.58
N VAL C 284 21.15 10.16 2.14
CA VAL C 284 20.88 9.93 3.56
C VAL C 284 20.79 8.43 3.90
N ILE C 285 20.14 7.66 3.03
CA ILE C 285 20.05 6.21 3.25
C ILE C 285 21.42 5.56 3.16
N GLN C 286 22.24 5.99 2.21
CA GLN C 286 23.59 5.44 2.06
C GLN C 286 24.43 5.75 3.31
N ARG C 287 24.31 6.97 3.81
CA ARG C 287 24.99 7.35 5.05
C ARG C 287 24.51 6.47 6.20
N ALA C 288 23.21 6.15 6.20
CA ALA C 288 22.64 5.35 7.28
C ALA C 288 23.21 3.93 7.29
N LEU C 289 23.42 3.37 6.10
CA LEU C 289 23.75 1.96 6.01
C LEU C 289 25.22 1.72 5.63
N GLN C 290 26.03 2.77 5.66
CA GLN C 290 27.44 2.68 5.23
C GLN C 290 28.31 1.72 6.06
N THR C 291 29.22 1.04 5.37
CA THR C 291 30.18 0.09 5.97
C THR C 291 29.57 -1.30 6.23
N CP D . -14.08 -3.70 -14.93
C CP D . -13.47 -2.91 -14.04
O CP D . -12.98 -1.83 -14.33
O4P CP D . -13.39 -3.37 -12.67
P CP D . -12.72 -2.51 -11.47
O1P CP D . -13.69 -1.35 -11.34
O2P CP D . -11.33 -2.11 -11.89
O3P CP D . -12.73 -3.57 -10.40
P PO4 E . 2.50 -1.03 -1.55
O1 PO4 E . 2.68 -0.27 -2.85
O2 PO4 E . 2.32 -2.49 -1.86
O3 PO4 E . 3.72 -0.83 -0.69
O4 PO4 E . 1.30 -0.49 -0.81
P PO4 F . 6.51 -3.19 -4.06
O1 PO4 F . 7.75 -3.75 -4.70
O2 PO4 F . 5.81 -4.30 -3.29
O3 PO4 F . 6.87 -2.04 -3.14
O4 PO4 F . 5.57 -2.65 -5.12
P PO4 G . -9.70 5.04 -38.42
O1 PO4 G . -9.05 6.25 -37.79
O2 PO4 G . -9.95 5.30 -39.89
O3 PO4 G . -8.80 3.85 -38.27
O4 PO4 G . -11.05 4.75 -37.77
P PO4 H . -6.12 -17.42 -26.85
O1 PO4 H . -5.68 -16.03 -26.45
O2 PO4 H . -5.71 -17.64 -28.29
O3 PO4 H . -5.50 -18.44 -25.94
O4 PO4 H . -7.62 -17.55 -26.76
P PO4 I . -9.54 -19.63 -21.18
O1 PO4 I . -8.40 -19.24 -22.09
O2 PO4 I . -9.31 -21.05 -20.67
O3 PO4 I . -9.56 -18.68 -19.99
O4 PO4 I . -10.85 -19.56 -21.93
P PO4 J . -23.00 -19.74 -35.21
O1 PO4 J . -22.23 -18.82 -36.12
O2 PO4 J . -22.57 -21.17 -35.45
O3 PO4 J . -22.72 -19.38 -33.75
O4 PO4 J . -24.49 -19.66 -35.51
N CP K . 1.23 -11.87 16.58
C CP K . 0.48 -11.42 15.58
O CP K . -0.01 -12.16 14.75
O4P CP K . 0.24 -9.98 15.47
P CP K . -0.73 -9.34 14.36
O1P CP K . -0.07 -9.75 13.06
O2P CP K . -2.06 -10.02 14.60
O3P CP K . -0.73 -7.87 14.66
P PO4 L . 18.68 -21.18 16.18
O1 PO4 L . 19.39 -19.84 16.08
O2 PO4 L . 19.57 -22.30 15.73
O3 PO4 L . 18.24 -21.40 17.60
O4 PO4 L . 17.50 -21.13 15.23
P PO4 M . -1.13 -37.22 12.97
O1 PO4 M . 0.25 -37.03 12.40
O2 PO4 M . -2.15 -36.94 11.88
O3 PO4 M . -1.27 -38.64 13.44
O4 PO4 M . -1.36 -36.31 14.17
P PO4 N . 18.45 -14.85 19.08
O1 PO4 N . 19.57 -13.88 19.36
O2 PO4 N . 18.97 -15.93 18.16
O3 PO4 N . 17.95 -15.49 20.34
O4 PO4 N . 17.32 -14.08 18.42
N CP O . 9.44 -34.11 18.94
C CP O . 10.33 -34.99 18.48
O CP O . 10.50 -35.21 17.30
O4P CP O . 11.13 -35.74 19.44
P CP O . 12.35 -36.69 18.99
O1P CP O . 11.71 -38.04 18.75
O2P CP O . 12.93 -36.02 17.76
O3P CP O . 13.25 -36.64 20.21
N CP P . 7.28 19.01 1.94
C CP P . 6.74 17.92 2.49
O CP P . 7.22 17.35 3.46
O4P CP P . 5.52 17.42 1.89
P CP P . 4.71 16.11 2.40
O1P CP P . 3.75 15.90 1.26
O2P CP P . 4.11 16.54 3.71
O3P CP P . 5.74 15.00 2.47
P PO4 Q . 21.86 21.10 -11.27
O1 PO4 Q . 23.29 21.11 -11.76
O2 PO4 Q . 20.93 20.70 -12.40
O3 PO4 Q . 21.76 20.10 -10.15
O4 PO4 Q . 21.47 22.47 -10.78
P PO4 R . 15.48 22.35 -13.57
O1 PO4 R . 15.59 23.75 -13.02
O2 PO4 R . 15.20 22.41 -15.06
O3 PO4 R . 16.77 21.61 -13.33
O4 PO4 R . 14.35 21.61 -12.88
P PO4 S . 29.86 22.87 13.13
O1 PO4 S . 30.99 23.37 14.01
O2 PO4 S . 30.47 22.11 11.97
O3 PO4 S . 28.97 21.96 13.94
O4 PO4 S . 29.06 24.06 12.61
P PO4 T . 30.96 27.72 0.64
O1 PO4 T . 31.57 28.93 -0.04
O2 PO4 T . 30.81 26.60 -0.37
O3 PO4 T . 31.85 27.25 1.77
O4 PO4 T . 29.59 28.04 1.23
#